data_8Z1D
#
_entry.id   8Z1D
#
_cell.length_a   1.00
_cell.length_b   1.00
_cell.length_c   1.00
_cell.angle_alpha   90.00
_cell.angle_beta   90.00
_cell.angle_gamma   90.00
#
_symmetry.space_group_name_H-M   'P 1'
#
loop_
_entity.id
_entity.type
_entity.pdbx_description
1 polymer 'P2X purinoceptor'
2 non-polymer 2-acetamido-2-deoxy-beta-D-glucopyranose
3 non-polymer PSFL1191
#
_entity_poly.entity_id   1
_entity_poly.type   'polypeptide(L)'
_entity_poly.pdbx_seq_one_letter_code
;GSSTNYGTIKWIFHALVFSYISFALISDKRYQKKEPLISSVHTKVKGIAEVKAEILENGMKKMVSGVFDTADYTFPLQGN
SFFVMTNFIKTEGQQQGLCPDFPTARTICSSDRGCKKGRMDPQSKGIQTGRCVVYKERLKTCEVSAWCPIEEVKDAPRPA
LLNSAENFTVLIKNNIDFPGHNYTTRNILPGVNITCTFHKTQNPQCPIFRLGDIFQETGDSFSDVAIQGGIMGIEIYWDC
NLDGWFHHCRPKYSFRRLDDKTTSESLYPGYNFRYAKYYKENNVEKRTLIKVFGIRFDILVFGTGGKFNVIQLAVYIGSV
ISYFGLATVFIDILINTYSASS
;
_entity_poly.pdbx_strand_id   A,B,C
#
loop_
_chem_comp.id
_chem_comp.type
_chem_comp.name
_chem_comp.formula
A1L0P non-polymer PSFL1191 'C23 H25 N O4'
NAG D-saccharide, beta linking 2-acetamido-2-deoxy-beta-D-glucopyranose 'C8 H15 N O6'
#
# COMPACT_ATOMS: atom_id res chain seq x y z
N TRP A 11 -32.04 -39.05 35.51
CA TRP A 11 -32.43 -38.74 34.13
C TRP A 11 -32.30 -37.23 33.96
N ILE A 12 -32.33 -36.50 35.07
CA ILE A 12 -32.14 -35.06 35.02
C ILE A 12 -30.78 -34.71 34.46
N PHE A 13 -29.76 -35.52 34.78
CA PHE A 13 -28.44 -35.32 34.19
C PHE A 13 -28.50 -35.38 32.67
N HIS A 14 -29.23 -36.35 32.13
CA HIS A 14 -29.45 -36.44 30.69
C HIS A 14 -30.00 -35.14 30.12
N ALA A 15 -30.77 -34.39 30.91
CA ALA A 15 -31.24 -33.08 30.49
C ALA A 15 -30.16 -32.02 30.51
N LEU A 16 -29.34 -31.97 31.57
CA LEU A 16 -28.46 -30.81 31.77
C LEU A 16 -27.49 -30.65 30.61
N VAL A 17 -26.87 -31.75 30.17
CA VAL A 17 -25.95 -31.67 29.04
C VAL A 17 -26.66 -31.08 27.83
N PHE A 18 -27.90 -31.52 27.59
CA PHE A 18 -28.68 -30.95 26.48
C PHE A 18 -28.72 -29.44 26.57
N SER A 19 -29.08 -28.90 27.75
CA SER A 19 -29.08 -27.46 27.91
C SER A 19 -27.71 -26.90 27.57
N TYR A 20 -26.65 -27.47 28.17
CA TYR A 20 -25.30 -27.03 27.85
C TYR A 20 -25.09 -27.00 26.35
N ILE A 21 -25.47 -28.09 25.66
CA ILE A 21 -25.28 -28.16 24.22
C ILE A 21 -25.94 -26.98 23.55
N SER A 22 -27.22 -26.74 23.85
CA SER A 22 -27.90 -25.61 23.25
C SER A 22 -27.17 -24.33 23.54
N PHE A 23 -26.77 -24.14 24.81
CA PHE A 23 -26.01 -22.96 25.18
C PHE A 23 -24.80 -22.81 24.27
N ALA A 24 -24.00 -23.89 24.16
CA ALA A 24 -22.81 -23.83 23.32
C ALA A 24 -23.18 -23.35 21.92
N LEU A 25 -24.21 -23.96 21.33
CA LEU A 25 -24.61 -23.56 19.98
C LEU A 25 -24.93 -22.07 19.94
N ILE A 26 -25.81 -21.63 20.84
CA ILE A 26 -26.23 -20.24 20.82
C ILE A 26 -25.06 -19.32 21.08
N SER A 27 -24.03 -19.83 21.79
CA SER A 27 -22.89 -18.99 22.10
C SER A 27 -22.03 -18.72 20.86
N ASP A 28 -21.91 -19.71 19.98
CA ASP A 28 -20.91 -19.60 18.92
C ASP A 28 -21.47 -19.82 17.52
N LYS A 29 -22.75 -20.14 17.39
CA LYS A 29 -23.39 -20.32 16.09
C LYS A 29 -22.70 -21.42 15.27
N ARG A 30 -22.67 -22.63 15.82
CA ARG A 30 -22.09 -23.75 15.11
C ARG A 30 -22.88 -24.14 13.86
N TYR A 31 -24.11 -23.64 13.73
CA TYR A 31 -24.93 -23.86 12.55
C TYR A 31 -24.67 -22.84 11.47
N GLN A 32 -23.49 -22.21 11.47
CA GLN A 32 -23.19 -21.06 10.64
C GLN A 32 -21.83 -21.27 9.99
N LYS A 33 -21.82 -21.51 8.69
CA LYS A 33 -20.56 -21.53 7.94
C LYS A 33 -20.04 -20.10 7.83
N LYS A 34 -18.82 -19.88 8.30
CA LYS A 34 -18.24 -18.56 8.42
C LYS A 34 -17.03 -18.44 7.49
N GLU A 35 -16.90 -17.29 6.84
CA GLU A 35 -15.86 -16.95 5.91
C GLU A 35 -15.20 -15.62 6.28
N PRO A 36 -13.93 -15.44 5.89
CA PRO A 36 -13.25 -14.16 6.17
C PRO A 36 -13.81 -13.02 5.34
N LEU A 37 -13.16 -11.86 5.45
CA LEU A 37 -13.69 -10.61 4.92
C LEU A 37 -12.74 -10.05 3.87
N ILE A 38 -13.29 -9.43 2.84
CA ILE A 38 -12.52 -8.66 1.87
C ILE A 38 -12.91 -7.20 2.02
N SER A 39 -11.92 -6.31 2.03
CA SER A 39 -12.15 -4.92 2.41
C SER A 39 -11.57 -3.95 1.39
N SER A 40 -12.24 -2.81 1.26
CA SER A 40 -11.74 -1.68 0.50
C SER A 40 -11.97 -0.41 1.32
N VAL A 41 -10.95 0.44 1.37
CA VAL A 41 -10.95 1.61 2.24
C VAL A 41 -10.71 2.87 1.41
N HIS A 42 -11.46 3.92 1.70
CA HIS A 42 -11.30 5.21 1.05
C HIS A 42 -11.27 6.28 2.13
N THR A 43 -10.29 7.16 2.08
CA THR A 43 -10.05 8.12 3.16
C THR A 43 -9.94 9.53 2.59
N LYS A 44 -10.59 10.49 3.26
CA LYS A 44 -10.48 11.89 2.90
C LYS A 44 -10.15 12.71 4.14
N VAL A 45 -9.06 13.47 4.09
CA VAL A 45 -8.61 14.29 5.20
C VAL A 45 -8.85 15.75 4.85
N LYS A 46 -9.48 16.49 5.75
CA LYS A 46 -9.82 17.88 5.53
C LYS A 46 -9.45 18.70 6.75
N GLY A 47 -9.07 19.95 6.51
CA GLY A 47 -8.66 20.87 7.56
C GLY A 47 -7.32 21.49 7.26
N ILE A 48 -7.27 22.81 7.17
CA ILE A 48 -6.07 23.53 6.81
C ILE A 48 -5.28 23.84 8.08
N ALA A 49 -3.98 24.06 7.91
CA ALA A 49 -3.08 24.28 9.02
C ALA A 49 -2.28 25.56 8.81
N GLU A 50 -2.01 26.26 9.91
CA GLU A 50 -1.21 27.47 9.89
C GLU A 50 0.07 27.24 10.68
N VAL A 51 1.20 27.63 10.10
CA VAL A 51 2.49 27.52 10.77
C VAL A 51 3.06 28.92 10.93
N LYS A 52 3.53 29.24 12.14
CA LYS A 52 4.14 30.53 12.41
C LYS A 52 4.99 30.36 13.67
N ALA A 53 6.30 30.40 13.51
CA ALA A 53 7.19 30.18 14.65
C ALA A 53 8.58 30.67 14.30
N GLU A 54 9.48 30.56 15.28
CA GLU A 54 10.88 30.94 15.14
C GLU A 54 11.76 29.72 15.41
N ILE A 55 12.64 29.41 14.48
CA ILE A 55 13.58 28.31 14.63
C ILE A 55 15.00 28.84 14.49
N LEU A 56 15.99 27.97 14.58
CA LEU A 56 17.38 28.35 14.43
C LEU A 56 18.09 27.37 13.50
N GLU A 57 18.87 27.92 12.57
CA GLU A 57 19.66 27.13 11.64
C GLU A 57 21.09 27.67 11.63
N ASN A 58 22.06 26.77 11.81
CA ASN A 58 23.47 27.13 11.84
C ASN A 58 23.76 28.19 12.91
N GLY A 59 23.01 28.15 14.01
CA GLY A 59 23.19 29.12 15.07
C GLY A 59 22.56 30.47 14.83
N MET A 60 21.82 30.64 13.73
CA MET A 60 21.19 31.91 13.39
C MET A 60 19.67 31.74 13.44
N LYS A 61 19.00 32.69 14.08
CA LYS A 61 17.55 32.62 14.22
C LYS A 61 16.86 32.99 12.91
N LYS A 62 15.70 32.38 12.69
CA LYS A 62 14.89 32.65 11.51
C LYS A 62 13.43 32.42 11.86
N MET A 63 12.54 32.97 11.03
CA MET A 63 11.10 32.85 11.24
C MET A 63 10.50 32.08 10.08
N VAL A 64 9.64 31.10 10.41
CA VAL A 64 8.97 30.28 9.41
C VAL A 64 7.47 30.47 9.55
N SER A 65 6.80 30.81 8.45
CA SER A 65 5.36 31.02 8.43
C SER A 65 4.80 30.53 7.11
N GLY A 66 3.53 30.13 7.15
CA GLY A 66 2.88 29.62 5.95
C GLY A 66 1.59 28.90 6.29
N VAL A 67 0.99 28.37 5.23
CA VAL A 67 -0.31 27.69 5.32
C VAL A 67 -0.23 26.39 4.52
N PHE A 68 -0.75 25.32 5.11
CA PHE A 68 -0.79 24.01 4.47
C PHE A 68 -2.24 23.64 4.23
N ASP A 69 -2.55 23.22 3.00
CA ASP A 69 -3.92 23.16 2.51
C ASP A 69 -4.37 21.74 2.10
N THR A 70 -3.85 20.72 2.81
CA THR A 70 -4.26 19.32 2.65
C THR A 70 -3.86 18.75 1.30
N ALA A 71 -3.30 19.56 0.43
CA ALA A 71 -2.54 19.06 -0.71
C ALA A 71 -1.06 19.17 -0.47
N ASP A 72 -0.68 19.73 0.68
CA ASP A 72 0.71 20.06 0.93
C ASP A 72 1.33 19.12 1.96
N TYR A 73 0.56 18.76 3.00
CA TYR A 73 1.10 18.00 4.12
C TYR A 73 0.71 16.53 4.12
N THR A 74 0.23 16.00 3.01
CA THR A 74 -0.12 14.58 2.95
C THR A 74 -0.15 14.12 1.50
N PHE A 75 -0.14 12.81 1.32
CA PHE A 75 -0.26 12.19 0.01
C PHE A 75 -1.49 11.30 -0.01
N PRO A 76 -2.03 11.01 -1.19
CA PRO A 76 -3.28 10.22 -1.25
C PRO A 76 -3.12 8.85 -0.62
N LEU A 77 -4.24 8.33 -0.12
CA LEU A 77 -4.25 7.02 0.53
C LEU A 77 -3.70 5.94 -0.38
N GLN A 78 -2.86 5.07 0.17
CA GLN A 78 -2.24 3.99 -0.59
C GLN A 78 -2.06 2.79 0.35
N GLY A 79 -2.85 1.75 0.15
CA GLY A 79 -2.73 0.54 0.95
C GLY A 79 -3.11 0.68 2.41
N ASN A 80 -4.24 1.33 2.70
CA ASN A 80 -4.79 1.44 4.06
C ASN A 80 -3.82 2.16 5.00
N SER A 81 -3.24 3.25 4.53
CA SER A 81 -2.34 4.04 5.36
C SER A 81 -2.23 5.44 4.79
N PHE A 82 -2.78 6.43 5.50
CA PHE A 82 -2.66 7.82 5.09
C PHE A 82 -1.85 8.57 6.14
N PHE A 83 -0.87 9.33 5.68
CA PHE A 83 0.11 9.98 6.54
C PHE A 83 -0.29 11.44 6.74
N VAL A 84 -0.03 11.95 7.94
CA VAL A 84 -0.36 13.34 8.28
C VAL A 84 0.91 14.00 8.82
N MET A 85 1.41 14.99 8.11
CA MET A 85 2.58 15.74 8.53
C MET A 85 2.29 16.49 9.82
N THR A 86 3.30 16.57 10.70
CA THR A 86 3.16 17.37 11.90
C THR A 86 4.37 18.25 12.19
N ASN A 87 5.56 17.86 11.73
CA ASN A 87 6.74 18.68 12.02
C ASN A 87 7.79 18.48 10.93
N PHE A 88 8.64 19.49 10.73
CA PHE A 88 9.63 19.45 9.67
C PHE A 88 10.89 20.21 10.07
N ILE A 89 12.01 19.79 9.50
CA ILE A 89 13.28 20.51 9.55
C ILE A 89 13.73 20.75 8.11
N LYS A 90 13.98 22.02 7.79
CA LYS A 90 14.25 22.44 6.41
C LYS A 90 15.74 22.66 6.18
N THR A 91 16.16 22.38 4.95
CA THR A 91 17.51 22.75 4.51
C THR A 91 17.44 23.01 3.01
N GLU A 92 18.14 24.03 2.54
CA GLU A 92 18.10 24.43 1.15
C GLU A 92 19.51 24.72 0.65
N GLY A 93 19.68 24.61 -0.66
CA GLY A 93 20.96 24.88 -1.29
C GLY A 93 21.88 23.68 -1.41
N GLN A 94 21.37 22.46 -1.25
CA GLN A 94 22.21 21.28 -1.41
C GLN A 94 22.66 21.13 -2.85
N GLN A 95 23.92 20.74 -3.04
CA GLN A 95 24.48 20.54 -4.37
C GLN A 95 25.68 19.61 -4.25
N GLN A 96 25.95 18.84 -5.30
CA GLN A 96 27.00 17.84 -5.24
C GLN A 96 28.37 18.49 -5.12
N GLY A 97 29.14 18.03 -4.13
CA GLY A 97 30.49 18.57 -3.96
C GLY A 97 31.17 17.92 -2.77
N LEU A 98 32.16 18.62 -2.24
CA LEU A 98 32.86 18.20 -1.04
C LEU A 98 32.73 19.30 0.02
N CYS A 99 32.47 18.90 1.25
CA CYS A 99 32.19 19.85 2.32
C CYS A 99 32.39 19.15 3.66
N PRO A 100 32.82 19.89 4.68
CA PRO A 100 33.02 19.29 6.01
C PRO A 100 31.70 18.80 6.60
N ASP A 101 31.77 17.67 7.30
CA ASP A 101 30.60 17.07 7.91
C ASP A 101 30.39 17.66 9.30
N PHE A 102 29.14 17.55 9.79
CA PHE A 102 28.80 18.05 11.12
C PHE A 102 29.75 17.47 12.16
N PRO A 103 30.59 18.28 12.80
CA PRO A 103 31.60 17.74 13.72
C PRO A 103 31.01 17.03 14.92
N THR A 104 31.22 15.72 14.99
CA THR A 104 30.86 14.89 16.13
C THR A 104 32.12 14.23 16.68
N ALA A 105 31.94 13.35 17.66
CA ALA A 105 33.09 12.66 18.24
C ALA A 105 33.77 11.78 17.21
N ARG A 106 33.00 11.04 16.41
CA ARG A 106 33.59 10.15 15.42
C ARG A 106 34.11 10.92 14.21
N THR A 107 33.54 12.08 13.92
CA THR A 107 33.88 12.83 12.73
C THR A 107 34.94 13.90 12.95
N ILE A 108 35.45 14.05 14.17
CA ILE A 108 36.44 15.08 14.46
C ILE A 108 37.83 14.55 14.14
N CYS A 109 38.74 15.46 13.79
CA CYS A 109 40.14 15.09 13.55
C CYS A 109 41.02 16.32 13.73
N SER A 110 42.30 16.07 13.96
CA SER A 110 43.32 17.11 13.95
C SER A 110 44.28 17.00 12.78
N SER A 111 44.41 15.81 12.19
CA SER A 111 45.26 15.60 11.03
C SER A 111 44.52 14.72 10.03
N ASP A 112 44.92 14.84 8.77
CA ASP A 112 44.27 14.05 7.71
C ASP A 112 44.49 12.55 7.93
N ARG A 113 45.65 12.18 8.46
CA ARG A 113 45.91 10.77 8.75
C ARG A 113 45.06 10.23 9.89
N GLY A 114 44.38 11.10 10.63
CA GLY A 114 43.54 10.63 11.71
C GLY A 114 42.39 9.76 11.24
N CYS A 115 41.77 10.12 10.13
CA CYS A 115 40.66 9.38 9.58
C CYS A 115 41.03 8.83 8.20
N LYS A 116 40.49 7.68 7.86
CA LYS A 116 40.84 6.97 6.63
C LYS A 116 39.88 7.31 5.51
N LYS A 117 40.40 7.37 4.29
CA LYS A 117 39.57 7.65 3.13
C LYS A 117 38.64 6.47 2.84
N GLY A 118 37.45 6.78 2.32
CA GLY A 118 36.49 5.76 1.96
C GLY A 118 35.65 5.22 3.08
N ARG A 119 35.84 5.69 4.31
CA ARG A 119 35.08 5.20 5.44
C ARG A 119 33.62 5.62 5.33
N MET A 120 32.73 4.71 5.75
CA MET A 120 31.29 4.95 5.74
C MET A 120 30.77 4.78 7.16
N ASP A 121 30.82 5.85 7.94
CA ASP A 121 30.23 5.82 9.26
C ASP A 121 28.72 5.69 9.16
N PRO A 122 28.09 4.91 10.05
CA PRO A 122 26.64 4.72 9.95
C PRO A 122 25.86 6.03 10.03
N GLN A 123 26.28 6.96 10.87
CA GLN A 123 25.58 8.22 11.04
C GLN A 123 26.06 9.31 10.09
N SER A 124 27.13 9.07 9.35
CA SER A 124 27.60 10.05 8.39
C SER A 124 26.85 9.89 7.07
N LYS A 125 26.53 11.02 6.44
CA LYS A 125 25.72 11.03 5.22
C LYS A 125 26.56 11.25 3.98
N GLY A 126 27.88 11.14 4.07
CA GLY A 126 28.73 11.41 2.93
C GLY A 126 29.92 10.47 2.88
N ILE A 127 30.46 10.32 1.66
CA ILE A 127 31.64 9.49 1.44
C ILE A 127 32.87 10.26 1.87
N GLN A 128 33.66 9.66 2.75
CA GLN A 128 34.81 10.35 3.33
C GLN A 128 36.07 10.14 2.49
N THR A 129 36.76 11.24 2.21
CA THR A 129 38.00 11.20 1.45
C THR A 129 39.26 11.19 2.31
N GLY A 130 39.11 11.22 3.63
CA GLY A 130 40.26 11.14 4.52
C GLY A 130 41.21 12.32 4.49
N ARG A 131 40.69 13.55 4.52
CA ARG A 131 41.51 14.75 4.51
C ARG A 131 40.92 15.75 5.49
N CYS A 132 41.63 16.02 6.58
CA CYS A 132 41.10 16.86 7.64
C CYS A 132 41.24 18.32 7.24
N VAL A 133 40.11 19.05 7.16
CA VAL A 133 40.05 20.45 6.78
C VAL A 133 39.27 21.19 7.84
N VAL A 134 39.52 22.50 7.95
CA VAL A 134 38.86 23.32 8.96
C VAL A 134 37.37 23.43 8.63
N TYR A 135 36.52 23.14 9.62
CA TYR A 135 35.08 23.24 9.44
C TYR A 135 34.60 24.67 9.66
N LYS A 136 34.80 25.19 10.86
CA LYS A 136 34.39 26.56 11.20
C LYS A 136 35.03 26.95 12.52
N GLU A 137 35.56 28.17 12.57
CA GLU A 137 36.23 28.73 13.74
C GLU A 137 37.21 27.71 14.32
N ARG A 138 38.21 27.38 13.50
CA ARG A 138 39.35 26.52 13.84
C ARG A 138 38.96 25.08 14.15
N LEU A 139 37.70 24.70 13.95
CA LEU A 139 37.30 23.31 14.11
C LEU A 139 37.64 22.52 12.85
N LYS A 140 38.26 21.36 13.04
CA LYS A 140 38.78 20.57 11.93
C LYS A 140 38.07 19.22 11.88
N THR A 141 37.53 18.88 10.71
CA THR A 141 36.97 17.57 10.44
C THR A 141 37.36 17.17 9.03
N CYS A 142 37.43 15.88 8.75
CA CYS A 142 37.78 15.45 7.40
C CYS A 142 36.53 15.36 6.56
N GLU A 143 36.47 16.17 5.50
CA GLU A 143 35.21 16.46 4.83
C GLU A 143 34.76 15.28 4.00
N VAL A 144 33.51 15.36 3.53
CA VAL A 144 32.89 14.28 2.78
C VAL A 144 32.41 14.81 1.44
N SER A 145 32.34 13.90 0.47
CA SER A 145 31.82 14.20 -0.86
C SER A 145 30.35 13.80 -0.87
N ALA A 146 29.48 14.79 -0.84
CA ALA A 146 28.03 14.55 -0.74
C ALA A 146 27.31 15.82 -1.18
N TRP A 147 26.01 15.87 -0.87
CA TRP A 147 25.24 17.09 -0.99
C TRP A 147 25.77 18.09 0.04
N CYS A 148 25.88 19.35 -0.38
CA CYS A 148 26.41 20.39 0.49
C CYS A 148 25.51 21.61 0.47
N PRO A 149 25.45 22.37 1.57
CA PRO A 149 26.13 22.14 2.86
C PRO A 149 25.51 20.99 3.65
N ILE A 150 26.26 20.37 4.55
CA ILE A 150 25.78 19.19 5.25
C ILE A 150 24.68 19.58 6.24
N GLU A 151 23.67 18.72 6.35
CA GLU A 151 22.59 18.97 7.31
C GLU A 151 23.10 18.79 8.73
N GLU A 152 22.63 19.66 9.62
CA GLU A 152 22.97 19.57 11.04
C GLU A 152 21.96 18.67 11.73
N VAL A 153 22.44 17.62 12.38
CA VAL A 153 21.57 16.66 13.04
C VAL A 153 21.16 17.19 14.40
N LYS A 154 19.92 17.66 14.52
CA LYS A 154 19.35 18.09 15.78
C LYS A 154 18.00 17.42 15.96
N ASP A 155 17.28 17.84 17.00
CA ASP A 155 15.93 17.36 17.26
C ASP A 155 14.89 18.31 16.66
N ALA A 156 13.68 17.79 16.50
CA ALA A 156 12.59 18.62 16.01
C ALA A 156 12.25 19.70 17.04
N PRO A 157 11.79 20.87 16.59
CA PRO A 157 11.51 21.95 17.53
C PRO A 157 10.48 21.54 18.57
N ARG A 158 10.71 21.96 19.82
CA ARG A 158 9.87 21.50 20.93
C ARG A 158 8.40 21.88 20.77
N PRO A 159 8.03 23.11 20.40
CA PRO A 159 6.64 23.35 20.02
C PRO A 159 6.32 22.67 18.70
N ALA A 160 5.09 22.17 18.59
CA ALA A 160 4.67 21.51 17.37
C ALA A 160 4.50 22.54 16.27
N LEU A 161 5.25 22.38 15.17
CA LEU A 161 5.14 23.33 14.07
C LEU A 161 3.72 23.33 13.51
N LEU A 162 3.14 22.15 13.32
CA LEU A 162 1.71 22.02 13.08
C LEU A 162 0.99 21.64 14.37
N ASN A 163 1.03 22.57 15.32
CA ASN A 163 0.33 22.37 16.59
C ASN A 163 -1.18 22.27 16.42
N SER A 164 -1.72 22.75 15.29
CA SER A 164 -3.15 22.66 15.00
C SER A 164 -3.50 21.39 14.25
N ALA A 165 -2.69 20.33 14.38
CA ALA A 165 -2.97 19.11 13.64
C ALA A 165 -4.21 18.39 14.17
N GLU A 166 -4.40 18.37 15.50
CA GLU A 166 -5.51 17.61 16.07
C GLU A 166 -6.87 18.21 15.73
N ASN A 167 -6.91 19.40 15.17
CA ASN A 167 -8.18 20.01 14.79
C ASN A 167 -8.66 19.54 13.42
N PHE A 168 -7.93 18.66 12.75
CA PHE A 168 -8.34 18.18 11.44
C PHE A 168 -9.49 17.19 11.55
N THR A 169 -10.07 16.83 10.42
CA THR A 169 -11.16 15.85 10.37
C THR A 169 -10.87 14.84 9.27
N VAL A 170 -11.06 13.56 9.57
CA VAL A 170 -10.87 12.49 8.59
C VAL A 170 -12.19 11.75 8.41
N LEU A 171 -12.55 11.50 7.16
CA LEU A 171 -13.74 10.77 6.79
C LEU A 171 -13.32 9.45 6.16
N ILE A 172 -13.96 8.36 6.59
CA ILE A 172 -13.58 7.02 6.17
C ILE A 172 -14.81 6.34 5.58
N LYS A 173 -14.67 5.85 4.34
CA LYS A 173 -15.68 5.03 3.69
C LYS A 173 -15.11 3.63 3.51
N ASN A 174 -15.73 2.66 4.17
CA ASN A 174 -15.29 1.28 4.14
C ASN A 174 -16.33 0.45 3.41
N ASN A 175 -15.88 -0.36 2.45
CA ASN A 175 -16.75 -1.24 1.69
C ASN A 175 -16.26 -2.66 1.90
N ILE A 176 -17.11 -3.51 2.46
CA ILE A 176 -16.76 -4.89 2.76
C ILE A 176 -17.52 -5.79 1.80
N ASP A 177 -16.91 -6.92 1.47
CA ASP A 177 -17.59 -7.94 0.68
C ASP A 177 -17.11 -9.31 1.13
N PHE A 178 -18.05 -10.25 1.15
CA PHE A 178 -17.75 -11.65 1.39
C PHE A 178 -17.83 -12.37 0.06
N PRO A 179 -16.81 -13.13 -0.36
CA PRO A 179 -16.94 -13.82 -1.65
C PRO A 179 -17.72 -15.13 -1.59
N GLY A 180 -17.69 -15.84 -0.46
CA GLY A 180 -18.49 -17.05 -0.33
C GLY A 180 -19.97 -16.78 -0.49
N HIS A 181 -20.55 -16.03 0.45
CA HIS A 181 -21.91 -15.56 0.27
C HIS A 181 -21.97 -14.45 -0.77
N ASN A 182 -23.18 -14.11 -1.19
CA ASN A 182 -23.40 -13.04 -2.15
C ASN A 182 -23.73 -11.73 -1.44
N TYR A 183 -22.75 -11.22 -0.68
CA TYR A 183 -22.98 -10.04 0.15
C TYR A 183 -21.84 -9.03 0.01
N THR A 184 -22.22 -7.79 -0.26
CA THR A 184 -21.32 -6.64 -0.24
C THR A 184 -22.08 -5.46 0.36
N THR A 185 -21.46 -4.76 1.29
CA THR A 185 -22.13 -3.62 1.92
C THR A 185 -21.12 -2.56 2.33
N ARG A 186 -21.61 -1.34 2.52
CA ARG A 186 -20.78 -0.18 2.78
C ARG A 186 -20.85 0.20 4.26
N ASN A 187 -19.98 1.15 4.65
CA ASN A 187 -19.96 1.60 6.03
C ASN A 187 -21.12 2.55 6.32
N ILE A 188 -21.43 3.45 5.38
CA ILE A 188 -22.45 4.47 5.57
C ILE A 188 -23.71 4.06 4.85
N LEU A 189 -24.82 4.01 5.57
CA LEU A 189 -26.10 3.72 4.97
C LEU A 189 -26.72 5.00 4.41
N PRO A 190 -27.57 4.90 3.39
CA PRO A 190 -28.23 6.09 2.86
C PRO A 190 -29.11 6.75 3.92
N GLY A 191 -29.16 8.08 3.87
CA GLY A 191 -29.94 8.83 4.84
C GLY A 191 -29.36 8.80 6.23
N VAL A 192 -28.18 9.40 6.40
CA VAL A 192 -27.50 9.42 7.68
C VAL A 192 -27.09 10.86 7.98
N ASN A 193 -26.77 11.11 9.25
CA ASN A 193 -26.31 12.43 9.66
C ASN A 193 -24.99 12.76 8.99
N ILE A 194 -24.94 13.91 8.32
CA ILE A 194 -23.72 14.32 7.65
C ILE A 194 -22.73 14.89 8.66
N THR A 195 -23.09 15.98 9.32
CA THR A 195 -22.23 16.58 10.32
C THR A 195 -22.11 15.67 11.52
N CYS A 196 -20.90 15.56 12.07
CA CYS A 196 -20.65 14.66 13.19
C CYS A 196 -19.37 15.03 13.90
N THR A 197 -19.22 14.47 15.10
CA THR A 197 -17.94 14.38 15.79
C THR A 197 -17.98 13.08 16.59
N PHE A 198 -17.19 12.10 16.17
CA PHE A 198 -17.33 10.75 16.69
C PHE A 198 -17.13 10.71 18.20
N HIS A 199 -18.04 10.02 18.88
CA HIS A 199 -17.99 9.86 20.32
C HIS A 199 -18.30 8.41 20.66
N LYS A 200 -17.77 7.96 21.80
CA LYS A 200 -17.98 6.56 22.19
C LYS A 200 -19.46 6.26 22.41
N THR A 201 -20.17 7.17 23.04
CA THR A 201 -21.58 6.97 23.35
C THR A 201 -22.51 7.97 22.70
N GLN A 202 -22.07 9.22 22.55
CA GLN A 202 -22.95 10.24 21.97
C GLN A 202 -23.26 9.95 20.51
N ASN A 203 -22.23 9.60 19.73
CA ASN A 203 -22.38 9.31 18.31
C ASN A 203 -21.36 8.26 17.91
N PRO A 204 -21.70 6.98 18.07
CA PRO A 204 -20.71 5.90 17.86
C PRO A 204 -20.70 5.28 16.49
N GLN A 205 -21.41 5.82 15.50
CA GLN A 205 -21.50 5.15 14.21
C GLN A 205 -21.00 5.98 13.05
N CYS A 206 -21.28 7.29 13.01
CA CYS A 206 -20.79 8.10 11.92
C CYS A 206 -19.27 8.27 12.01
N PRO A 207 -18.56 8.14 10.90
CA PRO A 207 -17.12 7.89 10.95
C PRO A 207 -16.23 9.12 10.92
N ILE A 208 -16.80 10.32 11.04
CA ILE A 208 -15.99 11.53 11.04
C ILE A 208 -15.13 11.56 12.30
N PHE A 209 -13.82 11.37 12.15
CA PHE A 209 -12.92 11.32 13.30
C PHE A 209 -12.13 12.62 13.41
N ARG A 210 -12.07 13.14 14.64
CA ARG A 210 -11.13 14.20 14.99
C ARG A 210 -9.91 13.55 15.63
N LEU A 211 -8.72 14.01 15.22
CA LEU A 211 -7.49 13.40 15.73
C LEU A 211 -7.36 13.59 17.24
N GLY A 212 -7.79 14.74 17.74
CA GLY A 212 -7.83 14.94 19.18
C GLY A 212 -8.72 13.94 19.87
N ASP A 213 -9.86 13.60 19.27
CA ASP A 213 -10.71 12.56 19.82
C ASP A 213 -10.00 11.21 19.83
N ILE A 214 -9.26 10.91 18.77
CA ILE A 214 -8.52 9.65 18.71
C ILE A 214 -7.53 9.57 19.85
N PHE A 215 -6.79 10.66 20.09
CA PHE A 215 -5.76 10.61 21.13
C PHE A 215 -6.39 10.61 22.52
N GLN A 216 -7.51 11.32 22.70
CA GLN A 216 -8.20 11.28 23.98
C GLN A 216 -8.70 9.87 24.29
N GLU A 217 -9.23 9.18 23.29
CA GLU A 217 -9.64 7.80 23.49
C GLU A 217 -8.43 6.94 23.83
N THR A 218 -7.34 7.10 23.09
CA THR A 218 -6.12 6.35 23.39
C THR A 218 -5.53 6.72 24.74
N GLY A 219 -5.53 8.00 25.09
CA GLY A 219 -5.02 8.45 26.36
C GLY A 219 -3.65 9.08 26.32
N ASP A 220 -3.06 9.24 25.13
CA ASP A 220 -1.74 9.84 25.00
C ASP A 220 -1.85 11.35 24.83
N SER A 221 -0.71 12.02 24.98
CA SER A 221 -0.62 13.46 24.75
C SER A 221 -0.27 13.69 23.28
N PHE A 222 -1.14 14.41 22.56
CA PHE A 222 -0.95 14.54 21.12
C PHE A 222 0.32 15.30 20.78
N SER A 223 0.60 16.39 21.52
CA SER A 223 1.75 17.23 21.19
C SER A 223 3.06 16.46 21.36
N ASP A 224 3.18 15.69 22.44
CA ASP A 224 4.44 15.01 22.73
C ASP A 224 4.77 14.00 21.64
N VAL A 225 3.81 13.16 21.25
CA VAL A 225 4.10 12.16 20.22
C VAL A 225 4.15 12.81 18.84
N ALA A 226 3.49 13.96 18.67
CA ALA A 226 3.61 14.69 17.41
C ALA A 226 4.98 15.31 17.22
N ILE A 227 5.68 15.63 18.30
CA ILE A 227 7.02 16.18 18.17
C ILE A 227 7.95 15.18 17.48
N GLN A 228 7.90 13.92 17.90
CA GLN A 228 8.78 12.90 17.35
C GLN A 228 8.11 11.96 16.37
N GLY A 229 6.81 12.12 16.14
CA GLY A 229 6.10 11.26 15.21
C GLY A 229 5.76 9.91 15.82
N GLY A 230 4.83 9.23 15.18
CA GLY A 230 4.39 7.93 15.67
C GLY A 230 3.36 7.34 14.74
N ILE A 231 3.04 6.07 15.00
CA ILE A 231 2.08 5.31 14.20
C ILE A 231 0.95 4.87 15.10
N MET A 232 -0.28 4.96 14.59
CA MET A 232 -1.42 4.38 15.31
C MET A 232 -2.40 3.80 14.32
N GLY A 233 -3.42 3.13 14.85
CA GLY A 233 -4.35 2.41 14.02
C GLY A 233 -5.80 2.57 14.42
N ILE A 234 -6.67 2.65 13.42
CA ILE A 234 -8.10 2.79 13.61
C ILE A 234 -8.72 1.45 13.21
N GLU A 235 -8.87 0.55 14.18
CA GLU A 235 -9.41 -0.77 13.92
C GLU A 235 -10.92 -0.70 13.72
N ILE A 236 -11.39 -1.34 12.66
CA ILE A 236 -12.80 -1.40 12.31
C ILE A 236 -13.23 -2.86 12.39
N TYR A 237 -14.21 -3.15 13.24
CA TYR A 237 -14.62 -4.53 13.50
C TYR A 237 -16.01 -4.74 12.91
N TRP A 238 -16.13 -5.70 12.01
CA TRP A 238 -17.40 -6.06 11.39
C TRP A 238 -17.85 -7.40 11.95
N ASP A 239 -18.86 -7.37 12.81
CA ASP A 239 -19.48 -8.58 13.36
C ASP A 239 -20.89 -8.67 12.79
N CYS A 240 -21.00 -9.32 11.63
CA CYS A 240 -22.25 -9.35 10.87
C CYS A 240 -22.81 -10.77 10.83
N ASN A 241 -24.11 -10.89 11.00
CA ASN A 241 -24.82 -12.15 10.90
C ASN A 241 -25.80 -12.05 9.73
N LEU A 242 -25.77 -13.04 8.83
CA LEU A 242 -26.54 -12.98 7.60
C LEU A 242 -27.88 -13.71 7.69
N ASP A 243 -28.22 -14.28 8.84
CA ASP A 243 -29.52 -14.94 8.99
C ASP A 243 -30.64 -13.93 8.86
N GLY A 244 -31.70 -14.29 8.13
CA GLY A 244 -32.80 -13.38 7.93
C GLY A 244 -33.55 -13.05 9.21
N TRP A 245 -33.65 -14.01 10.13
CA TRP A 245 -34.42 -13.80 11.35
C TRP A 245 -33.78 -12.72 12.22
N PHE A 246 -32.45 -12.78 12.40
CA PHE A 246 -31.71 -11.80 13.20
C PHE A 246 -30.55 -11.30 12.34
N HIS A 247 -30.81 -10.29 11.53
CA HIS A 247 -29.82 -9.76 10.60
C HIS A 247 -29.38 -8.38 11.06
N HIS A 248 -28.08 -8.24 11.34
CA HIS A 248 -27.51 -6.94 11.64
C HIS A 248 -26.03 -6.96 11.25
N CYS A 249 -25.61 -5.94 10.51
CA CYS A 249 -24.23 -5.83 10.02
C CYS A 249 -23.79 -4.38 10.23
N ARG A 250 -23.20 -4.11 11.39
CA ARG A 250 -22.76 -2.77 11.72
C ARG A 250 -21.37 -2.81 12.32
N PRO A 251 -20.56 -1.80 12.06
CA PRO A 251 -19.17 -1.84 12.52
C PRO A 251 -19.01 -1.25 13.92
N LYS A 252 -17.91 -1.62 14.55
CA LYS A 252 -17.49 -1.05 15.82
C LYS A 252 -16.09 -0.47 15.65
N TYR A 253 -15.90 0.75 16.14
CA TYR A 253 -14.65 1.47 15.96
C TYR A 253 -13.81 1.38 17.23
N SER A 254 -12.53 1.09 17.07
CA SER A 254 -11.58 1.10 18.17
C SER A 254 -10.28 1.75 17.68
N PHE A 255 -9.53 2.34 18.60
CA PHE A 255 -8.28 2.99 18.27
C PHE A 255 -7.17 2.41 19.13
N ARG A 256 -5.96 2.32 18.57
CA ARG A 256 -4.84 1.84 19.37
C ARG A 256 -3.53 2.42 18.87
N ARG A 257 -2.65 2.79 19.80
CA ARG A 257 -1.32 3.27 19.43
C ARG A 257 -0.45 2.09 19.02
N LEU A 258 0.01 2.09 17.77
CA LEU A 258 0.77 0.97 17.23
C LEU A 258 2.25 1.06 17.54
N ASP A 259 2.73 2.17 18.07
CA ASP A 259 4.14 2.32 18.36
C ASP A 259 4.49 1.65 19.69
N ASP A 260 5.80 1.61 19.98
CA ASP A 260 6.30 0.90 21.14
C ASP A 260 6.85 1.81 22.24
N LYS A 261 7.02 3.11 21.97
CA LYS A 261 7.65 4.04 22.92
C LYS A 261 9.01 3.50 23.34
N THR A 262 9.88 3.26 22.35
CA THR A 262 11.19 2.69 22.65
C THR A 262 12.09 3.69 23.35
N THR A 263 12.09 4.94 22.87
CA THR A 263 12.88 6.04 23.41
C THR A 263 14.37 5.78 23.38
N SER A 264 14.84 4.87 22.52
CA SER A 264 16.26 4.57 22.39
C SER A 264 16.76 5.09 21.05
N GLU A 265 17.91 5.76 21.07
CA GLU A 265 18.43 6.39 19.86
C GLU A 265 18.75 5.36 18.78
N SER A 266 19.28 4.20 19.17
CA SER A 266 19.67 3.20 18.18
C SER A 266 18.49 2.62 17.42
N LEU A 267 17.28 2.71 17.96
CA LEU A 267 16.11 2.12 17.33
C LEU A 267 15.23 3.15 16.63
N TYR A 268 15.72 4.38 16.42
CA TYR A 268 15.02 5.40 15.66
C TYR A 268 13.64 5.66 16.27
N PRO A 269 13.58 6.28 17.45
CA PRO A 269 12.28 6.48 18.10
C PRO A 269 11.37 7.38 17.28
N GLY A 270 10.08 7.12 17.38
CA GLY A 270 9.11 7.89 16.63
C GLY A 270 9.12 7.52 15.15
N TYR A 271 8.45 8.35 14.37
CA TYR A 271 8.35 8.17 12.93
C TYR A 271 8.87 9.41 12.22
N ASN A 272 9.80 9.21 11.29
CA ASN A 272 10.35 10.31 10.52
C ASN A 272 11.00 9.75 9.26
N PHE A 273 11.17 10.63 8.28
CA PHE A 273 11.85 10.27 7.03
C PHE A 273 12.43 11.53 6.42
N ARG A 274 13.09 11.37 5.28
CA ARG A 274 13.74 12.47 4.59
C ARG A 274 13.22 12.53 3.16
N TYR A 275 12.90 13.73 2.69
CA TYR A 275 12.29 13.95 1.38
C TYR A 275 13.06 15.06 0.68
N ALA A 276 13.09 15.02 -0.65
CA ALA A 276 13.88 15.95 -1.44
C ALA A 276 13.05 16.59 -2.53
N LYS A 277 13.27 17.88 -2.76
CA LYS A 277 12.67 18.61 -3.87
C LYS A 277 13.78 19.13 -4.76
N TYR A 278 13.72 18.81 -6.05
CA TYR A 278 14.77 19.17 -7.00
C TYR A 278 14.33 20.36 -7.84
N TYR A 279 15.30 21.12 -8.33
CA TYR A 279 15.03 22.23 -9.23
C TYR A 279 16.32 22.63 -9.92
N LYS A 280 16.20 23.60 -10.83
CA LYS A 280 17.32 24.12 -11.59
C LYS A 280 17.58 25.57 -11.17
N GLU A 281 18.80 25.85 -10.74
CA GLU A 281 19.22 27.21 -10.41
C GLU A 281 20.49 27.51 -11.18
N ASN A 282 20.45 28.54 -12.02
CA ASN A 282 21.57 28.91 -12.89
C ASN A 282 22.03 27.71 -13.72
N ASN A 283 21.05 26.95 -14.23
CA ASN A 283 21.31 25.75 -15.03
C ASN A 283 22.12 24.72 -14.26
N VAL A 284 21.97 24.69 -12.94
CA VAL A 284 22.63 23.71 -12.07
C VAL A 284 21.57 23.01 -11.25
N GLU A 285 21.67 21.68 -11.17
CA GLU A 285 20.73 20.92 -10.36
C GLU A 285 20.95 21.20 -8.89
N LYS A 286 19.88 21.54 -8.19
CA LYS A 286 19.95 21.81 -6.76
C LYS A 286 18.73 21.20 -6.07
N ARG A 287 18.96 20.54 -4.95
CA ARG A 287 17.90 19.91 -4.19
C ARG A 287 17.80 20.55 -2.81
N THR A 288 16.59 20.56 -2.27
CA THR A 288 16.32 21.01 -0.92
C THR A 288 15.74 19.85 -0.13
N LEU A 289 16.18 19.70 1.12
CA LEU A 289 15.91 18.52 1.93
C LEU A 289 14.97 18.88 3.08
N ILE A 290 13.92 18.08 3.24
CA ILE A 290 12.97 18.23 4.33
C ILE A 290 13.00 16.97 5.16
N LYS A 291 13.32 17.11 6.45
CA LYS A 291 13.22 16.02 7.40
C LYS A 291 11.83 16.08 8.04
N VAL A 292 10.99 15.09 7.74
CA VAL A 292 9.57 15.14 8.10
C VAL A 292 9.32 14.18 9.25
N PHE A 293 8.71 14.68 10.31
CA PHE A 293 8.17 13.89 11.39
C PHE A 293 6.64 13.95 11.31
N GLY A 294 6.00 12.80 11.43
CA GLY A 294 4.57 12.76 11.22
C GLY A 294 3.88 11.70 12.05
N ILE A 295 2.57 11.63 11.88
CA ILE A 295 1.73 10.63 12.51
C ILE A 295 1.10 9.79 11.40
N ARG A 296 1.40 8.50 11.39
CA ARG A 296 0.92 7.61 10.34
C ARG A 296 -0.25 6.80 10.87
N PHE A 297 -1.38 6.92 10.20
CA PHE A 297 -2.61 6.24 10.58
C PHE A 297 -2.78 4.99 9.72
N ASP A 298 -3.17 3.89 10.36
CA ASP A 298 -3.51 2.67 9.65
C ASP A 298 -4.96 2.31 9.93
N ILE A 299 -5.64 1.81 8.90
CA ILE A 299 -7.03 1.40 8.99
C ILE A 299 -7.05 -0.12 8.92
N LEU A 300 -6.99 -0.77 10.08
CA LEU A 300 -6.91 -2.23 10.17
C LEU A 300 -8.34 -2.76 10.31
N VAL A 301 -8.94 -3.10 9.19
CA VAL A 301 -10.31 -3.59 9.15
C VAL A 301 -10.30 -5.11 9.04
N PHE A 302 -11.02 -5.77 9.96
CA PHE A 302 -11.10 -7.22 9.99
C PHE A 302 -12.48 -7.63 10.47
N GLY A 303 -12.86 -8.85 10.13
CA GLY A 303 -14.14 -9.38 10.56
C GLY A 303 -14.44 -10.68 9.87
N THR A 304 -15.52 -11.32 10.33
CA THR A 304 -15.97 -12.58 9.76
C THR A 304 -17.45 -12.46 9.41
N GLY A 305 -17.88 -13.29 8.47
CA GLY A 305 -19.27 -13.32 8.09
C GLY A 305 -19.76 -14.72 7.81
N GLY A 306 -20.92 -15.10 8.36
CA GLY A 306 -21.39 -16.45 8.25
C GLY A 306 -22.85 -16.51 7.85
N LYS A 307 -23.26 -17.70 7.44
CA LYS A 307 -24.63 -17.97 7.05
C LYS A 307 -25.07 -19.34 7.55
N PHE A 308 -26.39 -19.49 7.73
CA PHE A 308 -26.96 -20.78 8.08
C PHE A 308 -26.61 -21.80 7.01
N ASN A 309 -26.14 -22.97 7.43
CA ASN A 309 -25.74 -24.03 6.50
C ASN A 309 -26.12 -25.38 7.12
N VAL A 310 -26.63 -26.29 6.29
CA VAL A 310 -27.13 -27.56 6.79
C VAL A 310 -25.99 -28.45 7.27
N ILE A 311 -24.87 -28.43 6.55
CA ILE A 311 -23.80 -29.40 6.82
C ILE A 311 -23.18 -29.17 8.19
N GLN A 312 -22.93 -27.91 8.55
CA GLN A 312 -22.36 -27.63 9.86
C GLN A 312 -23.30 -28.06 10.98
N LEU A 313 -24.61 -27.78 10.82
CA LEU A 313 -25.58 -28.21 11.81
C LEU A 313 -25.59 -29.72 11.95
N ALA A 314 -25.55 -30.43 10.82
CA ALA A 314 -25.57 -31.89 10.86
C ALA A 314 -24.33 -32.46 11.55
N VAL A 315 -23.15 -31.93 11.22
CA VAL A 315 -21.94 -32.49 11.82
C VAL A 315 -21.88 -32.16 13.31
N TYR A 316 -22.33 -30.97 13.71
CA TYR A 316 -22.31 -30.64 15.13
C TYR A 316 -23.29 -31.52 15.90
N ILE A 317 -24.47 -31.77 15.33
CA ILE A 317 -25.40 -32.68 16.00
C ILE A 317 -24.81 -34.08 16.10
N GLY A 318 -24.14 -34.55 15.04
CA GLY A 318 -23.50 -35.85 15.11
C GLY A 318 -22.44 -35.92 16.20
N SER A 319 -21.68 -34.85 16.38
CA SER A 319 -20.70 -34.81 17.45
C SER A 319 -21.37 -34.83 18.82
N VAL A 320 -22.44 -34.07 19.01
CA VAL A 320 -23.09 -33.96 20.31
C VAL A 320 -23.82 -35.26 20.67
N ILE A 321 -24.24 -36.02 19.66
CA ILE A 321 -25.02 -37.24 19.92
C ILE A 321 -24.21 -38.20 20.78
N SER A 322 -22.97 -38.46 20.40
CA SER A 322 -22.13 -39.40 21.14
C SER A 322 -21.81 -38.85 22.53
N TYR A 323 -21.62 -37.54 22.64
CA TYR A 323 -21.31 -36.93 23.93
C TYR A 323 -22.42 -37.21 24.93
N PHE A 324 -23.67 -36.90 24.54
CA PHE A 324 -24.74 -37.11 25.51
C PHE A 324 -25.08 -38.58 25.67
N GLY A 325 -24.84 -39.42 24.65
CA GLY A 325 -25.00 -40.85 24.83
C GLY A 325 -24.04 -41.41 25.86
N LEU A 326 -22.78 -40.98 25.81
CA LEU A 326 -21.81 -41.39 26.83
C LEU A 326 -22.20 -40.84 28.21
N ALA A 327 -22.66 -39.59 28.27
CA ALA A 327 -23.07 -39.02 29.54
C ALA A 327 -24.20 -39.83 30.16
N THR A 328 -25.16 -40.26 29.32
CA THR A 328 -26.21 -41.15 29.81
C THR A 328 -25.65 -42.50 30.25
N VAL A 329 -24.67 -43.02 29.50
CA VAL A 329 -24.12 -44.33 29.80
C VAL A 329 -23.45 -44.34 31.16
N PHE A 330 -22.65 -43.32 31.46
CA PHE A 330 -21.94 -43.25 32.73
C PHE A 330 -22.74 -42.44 33.75
N TRP B 11 -7.61 -56.41 23.94
CA TRP B 11 -8.08 -55.20 24.60
C TRP B 11 -7.04 -54.12 24.28
N ILE B 12 -5.91 -54.55 23.71
CA ILE B 12 -4.87 -53.62 23.29
C ILE B 12 -5.36 -52.74 22.14
N PHE B 13 -6.27 -53.26 21.31
CA PHE B 13 -6.86 -52.43 20.27
C PHE B 13 -7.67 -51.28 20.86
N HIS B 14 -8.20 -51.46 22.07
CA HIS B 14 -8.86 -50.37 22.77
C HIS B 14 -7.85 -49.31 23.20
N ALA B 15 -6.57 -49.69 23.30
CA ALA B 15 -5.52 -48.77 23.73
C ALA B 15 -4.81 -48.09 22.57
N LEU B 16 -4.70 -48.75 21.42
CA LEU B 16 -4.05 -48.11 20.27
C LEU B 16 -4.84 -46.91 19.79
N VAL B 17 -6.18 -47.00 19.81
CA VAL B 17 -7.00 -45.86 19.43
C VAL B 17 -6.85 -44.72 20.42
N PHE B 18 -6.73 -45.04 21.72
CA PHE B 18 -6.50 -43.99 22.71
C PHE B 18 -5.16 -43.31 22.49
N SER B 19 -4.12 -44.10 22.18
CA SER B 19 -2.81 -43.51 21.89
C SER B 19 -2.87 -42.62 20.67
N TYR B 20 -3.57 -43.07 19.61
CA TYR B 20 -3.69 -42.24 18.41
C TYR B 20 -4.44 -40.95 18.70
N ILE B 21 -5.52 -41.02 19.49
CA ILE B 21 -6.29 -39.82 19.81
C ILE B 21 -5.44 -38.84 20.60
N SER B 22 -4.72 -39.34 21.61
CA SER B 22 -3.85 -38.45 22.39
C SER B 22 -2.77 -37.84 21.52
N PHE B 23 -2.19 -38.63 20.61
CA PHE B 23 -1.17 -38.10 19.72
C PHE B 23 -1.71 -36.98 18.86
N ALA B 24 -2.89 -37.19 18.25
CA ALA B 24 -3.47 -36.14 17.42
C ALA B 24 -3.80 -34.90 18.24
N LEU B 25 -4.37 -35.08 19.42
CA LEU B 25 -4.77 -33.96 20.25
C LEU B 25 -3.55 -33.13 20.67
N ILE B 26 -2.46 -33.80 21.05
CA ILE B 26 -1.27 -33.08 21.47
C ILE B 26 -0.60 -32.39 20.29
N SER B 27 -0.45 -33.12 19.17
CA SER B 27 0.34 -32.59 18.06
C SER B 27 -0.38 -31.44 17.36
N ASP B 28 -1.66 -31.62 17.00
CA ASP B 28 -2.32 -30.64 16.15
C ASP B 28 -3.08 -29.60 16.97
N LYS B 29 -3.13 -29.76 18.30
CA LYS B 29 -3.70 -28.76 19.20
C LYS B 29 -5.18 -28.51 18.90
N ARG B 30 -6.00 -29.54 19.13
CA ARG B 30 -7.44 -29.43 18.93
C ARG B 30 -8.14 -28.65 20.03
N TYR B 31 -7.46 -28.37 21.15
CA TYR B 31 -8.06 -27.67 22.28
C TYR B 31 -7.85 -26.16 22.20
N GLN B 32 -7.70 -25.62 20.99
CA GLN B 32 -7.33 -24.22 20.81
C GLN B 32 -8.31 -23.56 19.86
N LYS B 33 -8.67 -22.32 20.15
CA LYS B 33 -9.49 -21.51 19.25
C LYS B 33 -8.55 -20.69 18.37
N LYS B 34 -8.20 -21.22 17.21
CA LYS B 34 -7.26 -20.58 16.32
C LYS B 34 -7.92 -19.40 15.62
N GLU B 35 -7.25 -18.25 15.64
CA GLU B 35 -7.75 -17.04 15.00
C GLU B 35 -6.68 -16.41 14.12
N PRO B 36 -7.07 -15.69 13.07
CA PRO B 36 -6.07 -15.08 12.18
C PRO B 36 -5.33 -13.96 12.90
N LEU B 37 -4.45 -13.31 12.14
CA LEU B 37 -3.49 -12.35 12.66
C LEU B 37 -3.71 -11.00 12.01
N ILE B 38 -3.49 -9.92 12.77
CA ILE B 38 -3.49 -8.57 12.21
C ILE B 38 -2.10 -8.00 12.45
N SER B 39 -1.56 -7.29 11.45
CA SER B 39 -0.16 -6.91 11.47
C SER B 39 0.04 -5.44 11.11
N SER B 40 1.13 -4.88 11.63
CA SER B 40 1.61 -3.56 11.23
C SER B 40 3.12 -3.64 11.08
N VAL B 41 3.64 -3.03 10.01
CA VAL B 41 5.05 -3.14 9.66
C VAL B 41 5.64 -1.75 9.52
N HIS B 42 6.85 -1.57 10.04
CA HIS B 42 7.57 -0.31 9.94
C HIS B 42 9.00 -0.60 9.54
N THR B 43 9.45 -0.03 8.43
CA THR B 43 10.73 -0.38 7.83
C THR B 43 11.61 0.85 7.71
N LYS B 44 12.88 0.71 8.08
CA LYS B 44 13.86 1.78 7.93
C LYS B 44 15.09 1.25 7.20
N VAL B 45 15.46 1.90 6.10
CA VAL B 45 16.60 1.50 5.30
C VAL B 45 17.71 2.53 5.48
N LYS B 46 18.92 2.05 5.75
CA LYS B 46 20.05 2.92 6.01
C LYS B 46 21.27 2.40 5.26
N GLY B 47 22.10 3.33 4.82
CA GLY B 47 23.31 3.04 4.06
C GLY B 47 23.36 3.90 2.82
N ILE B 48 24.45 4.64 2.67
CA ILE B 48 24.63 5.55 1.55
C ILE B 48 25.29 4.80 0.40
N ALA B 49 25.15 5.35 -0.80
CA ALA B 49 25.69 4.73 -1.99
C ALA B 49 26.41 5.76 -2.84
N GLU B 50 27.43 5.32 -3.56
CA GLU B 50 28.22 6.17 -4.42
C GLU B 50 28.15 5.63 -5.83
N VAL B 51 27.95 6.52 -6.81
CA VAL B 51 27.85 6.16 -8.21
C VAL B 51 28.97 6.86 -8.97
N LYS B 52 29.69 6.10 -9.79
CA LYS B 52 30.76 6.65 -10.62
C LYS B 52 30.96 5.69 -11.80
N ALA B 53 30.57 6.11 -12.99
CA ALA B 53 30.69 5.23 -14.15
C ALA B 53 30.67 6.06 -15.42
N GLU B 54 30.88 5.37 -16.54
CA GLU B 54 30.85 5.98 -17.87
C GLU B 54 29.76 5.30 -18.70
N ILE B 55 28.80 6.09 -19.16
CA ILE B 55 27.71 5.58 -19.99
C ILE B 55 27.77 6.25 -21.35
N LEU B 56 26.85 5.90 -22.24
CA LEU B 56 26.78 6.49 -23.56
C LEU B 56 25.35 6.89 -23.88
N GLU B 57 25.18 8.09 -24.42
CA GLU B 57 23.88 8.60 -24.85
C GLU B 57 24.03 9.22 -26.22
N ASN B 58 23.13 8.87 -27.14
CA ASN B 58 23.14 9.37 -28.51
C ASN B 58 24.46 9.03 -29.19
N GLY B 59 25.08 7.93 -28.78
CA GLY B 59 26.35 7.51 -29.31
C GLY B 59 27.57 8.25 -28.76
N MET B 60 27.37 9.15 -27.80
CA MET B 60 28.45 9.93 -27.23
C MET B 60 28.68 9.52 -25.78
N LYS B 61 29.94 9.36 -25.40
CA LYS B 61 30.27 8.94 -24.05
C LYS B 61 30.13 10.10 -23.06
N LYS B 62 29.71 9.76 -21.84
CA LYS B 62 29.57 10.72 -20.76
C LYS B 62 29.88 10.00 -19.45
N MET B 63 30.17 10.79 -18.41
CA MET B 63 30.49 10.26 -17.10
C MET B 63 29.45 10.70 -16.09
N VAL B 64 28.97 9.76 -15.29
CA VAL B 64 27.96 10.01 -14.28
C VAL B 64 28.56 9.70 -12.90
N SER B 65 28.49 10.66 -11.99
CA SER B 65 29.00 10.49 -10.65
C SER B 65 28.09 11.21 -9.66
N GLY B 66 28.07 10.72 -8.43
CA GLY B 66 27.24 11.31 -7.41
C GLY B 66 27.10 10.39 -6.21
N VAL B 67 26.26 10.83 -5.27
CA VAL B 67 26.06 10.14 -4.00
C VAL B 67 24.58 10.14 -3.68
N PHE B 68 24.07 8.99 -3.23
CA PHE B 68 22.67 8.81 -2.87
C PHE B 68 22.61 8.54 -1.37
N ASP B 69 21.72 9.23 -0.67
CA ASP B 69 21.77 9.36 0.78
C ASP B 69 20.48 8.88 1.47
N THR B 70 19.88 7.83 0.92
CA THR B 70 18.70 7.14 1.45
C THR B 70 17.43 7.99 1.39
N ALA B 71 17.53 9.25 0.98
CA ALA B 71 16.37 10.02 0.54
C ALA B 71 16.35 10.19 -0.96
N ASP B 72 17.35 9.69 -1.67
CA ASP B 72 17.45 9.88 -3.10
C ASP B 72 17.01 8.62 -3.86
N TYR B 73 17.21 7.44 -3.28
CA TYR B 73 17.01 6.19 -4.00
C TYR B 73 15.85 5.36 -3.48
N THR B 74 14.95 5.94 -2.71
CA THR B 74 13.80 5.19 -2.21
C THR B 74 12.72 6.16 -1.78
N PHE B 75 11.53 5.63 -1.55
CA PHE B 75 10.41 6.37 -1.00
C PHE B 75 9.92 5.66 0.25
N PRO B 76 9.25 6.38 1.15
CA PRO B 76 8.85 5.76 2.43
C PRO B 76 7.95 4.56 2.23
N LEU B 77 8.01 3.67 3.22
CA LEU B 77 7.22 2.44 3.18
C LEU B 77 5.74 2.75 3.02
N GLN B 78 5.09 2.02 2.12
CA GLN B 78 3.66 2.22 1.85
C GLN B 78 3.04 0.86 1.54
N GLY B 79 2.26 0.34 2.48
CA GLY B 79 1.58 -0.93 2.27
C GLY B 79 2.47 -2.15 2.14
N ASN B 80 3.45 -2.29 3.04
CA ASN B 80 4.28 -3.50 3.13
C ASN B 80 5.14 -3.71 1.88
N SER B 81 5.74 -2.63 1.39
CA SER B 81 6.62 -2.72 0.22
C SER B 81 7.49 -1.49 0.16
N PHE B 82 8.81 -1.66 0.29
CA PHE B 82 9.75 -0.55 0.17
C PHE B 82 10.71 -0.84 -0.98
N PHE B 83 10.88 0.16 -1.84
CA PHE B 83 11.64 0.04 -3.08
C PHE B 83 13.06 0.53 -2.87
N VAL B 84 14.00 -0.03 -3.64
CA VAL B 84 15.40 0.35 -3.57
C VAL B 84 15.92 0.52 -4.99
N MET B 85 16.54 1.67 -5.27
CA MET B 85 17.19 1.89 -6.56
C MET B 85 18.33 0.91 -6.75
N THR B 86 18.51 0.46 -7.98
CA THR B 86 19.76 -0.24 -8.31
C THR B 86 20.33 0.20 -9.66
N ASN B 87 19.50 0.70 -10.57
CA ASN B 87 20.04 1.18 -11.83
C ASN B 87 19.07 2.19 -12.45
N PHE B 88 19.60 3.11 -13.25
CA PHE B 88 18.79 4.17 -13.82
C PHE B 88 19.37 4.61 -15.17
N ILE B 89 18.48 5.07 -16.04
CA ILE B 89 18.83 5.66 -17.32
C ILE B 89 18.25 7.06 -17.39
N LYS B 90 19.09 8.05 -17.65
CA LYS B 90 18.72 9.45 -17.58
C LYS B 90 18.38 10.00 -18.96
N THR B 91 17.49 10.99 -18.99
CA THR B 91 17.27 11.79 -20.18
C THR B 91 16.78 13.16 -19.74
N GLU B 92 17.28 14.22 -20.37
CA GLU B 92 16.93 15.57 -19.98
C GLU B 92 16.60 16.40 -21.22
N GLY B 93 15.83 17.46 -21.00
CA GLY B 93 15.44 18.35 -22.07
C GLY B 93 14.14 18.02 -22.76
N GLN B 94 13.31 17.16 -22.17
CA GLN B 94 12.04 16.81 -22.80
C GLN B 94 11.09 18.02 -22.77
N GLN B 95 10.34 18.18 -23.87
CA GLN B 95 9.40 19.27 -24.00
C GLN B 95 8.39 18.92 -25.08
N GLN B 96 7.18 19.46 -24.95
CA GLN B 96 6.11 19.13 -25.89
C GLN B 96 6.45 19.62 -27.29
N GLY B 97 6.38 18.73 -28.28
CA GLY B 97 6.64 19.14 -29.64
C GLY B 97 6.51 17.99 -30.61
N LEU B 98 7.15 18.14 -31.76
CA LEU B 98 7.19 17.10 -32.77
C LEU B 98 8.65 16.72 -33.03
N CYS B 99 8.92 15.42 -33.06
CA CYS B 99 10.30 14.95 -33.22
C CYS B 99 10.34 13.52 -33.73
N PRO B 100 11.36 13.15 -34.50
CA PRO B 100 11.42 11.80 -35.06
C PRO B 100 11.50 10.73 -33.97
N ASP B 101 10.80 9.63 -34.20
CA ASP B 101 10.79 8.53 -33.26
C ASP B 101 12.05 7.68 -33.48
N PHE B 102 12.43 6.93 -32.46
CA PHE B 102 13.63 6.10 -32.55
C PHE B 102 13.50 5.10 -33.70
N PRO B 103 14.51 5.01 -34.57
CA PRO B 103 14.36 4.17 -35.77
C PRO B 103 14.36 2.69 -35.47
N THR B 104 13.20 2.05 -35.61
CA THR B 104 13.06 0.60 -35.53
C THR B 104 12.41 0.11 -36.82
N ALA B 105 12.14 -1.19 -36.87
CA ALA B 105 11.49 -1.77 -38.05
C ALA B 105 10.09 -1.19 -38.24
N ARG B 106 9.32 -1.07 -37.15
CA ARG B 106 7.96 -0.57 -37.25
C ARG B 106 7.91 0.95 -37.38
N THR B 107 9.02 1.64 -37.16
CA THR B 107 9.04 3.10 -37.19
C THR B 107 9.77 3.67 -38.41
N ILE B 108 10.43 2.83 -39.20
CA ILE B 108 11.16 3.33 -40.37
C ILE B 108 10.19 3.58 -41.52
N CYS B 109 10.54 4.53 -42.39
CA CYS B 109 9.77 4.80 -43.59
C CYS B 109 10.66 5.46 -44.62
N SER B 110 10.22 5.38 -45.88
CA SER B 110 10.89 6.07 -46.98
C SER B 110 10.01 7.11 -47.65
N SER B 111 8.69 6.99 -47.52
CA SER B 111 7.74 7.92 -48.12
C SER B 111 6.69 8.30 -47.08
N ASP B 112 6.05 9.45 -47.32
CA ASP B 112 5.04 9.93 -46.40
C ASP B 112 3.84 8.98 -46.33
N ARG B 113 3.42 8.43 -47.46
CA ARG B 113 2.28 7.53 -47.48
C ARG B 113 2.59 6.17 -46.86
N GLY B 114 3.86 5.89 -46.55
CA GLY B 114 4.21 4.61 -45.98
C GLY B 114 3.57 4.36 -44.62
N CYS B 115 3.55 5.37 -43.76
CA CYS B 115 2.96 5.28 -42.45
C CYS B 115 1.76 6.22 -42.34
N LYS B 116 0.72 5.75 -41.66
CA LYS B 116 -0.56 6.45 -41.59
C LYS B 116 -0.65 7.25 -40.29
N LYS B 117 -1.19 8.47 -40.40
CA LYS B 117 -1.31 9.35 -39.24
C LYS B 117 -2.26 8.76 -38.20
N GLY B 118 -1.99 9.08 -36.94
CA GLY B 118 -2.81 8.61 -35.84
C GLY B 118 -2.48 7.22 -35.33
N ARG B 119 -1.45 6.58 -35.88
CA ARG B 119 -1.08 5.24 -35.44
C ARG B 119 -0.55 5.27 -34.02
N MET B 120 -0.88 4.23 -33.25
CA MET B 120 -0.41 4.06 -31.89
C MET B 120 0.26 2.69 -31.79
N ASP B 121 1.54 2.64 -32.15
CA ASP B 121 2.29 1.41 -31.96
C ASP B 121 2.49 1.14 -30.47
N PRO B 122 2.42 -0.13 -30.06
CA PRO B 122 2.56 -0.43 -28.63
C PRO B 122 3.88 0.04 -28.05
N GLN B 123 4.98 -0.07 -28.80
CA GLN B 123 6.29 0.32 -28.32
C GLN B 123 6.64 1.77 -28.62
N SER B 124 5.81 2.47 -29.40
CA SER B 124 6.04 3.88 -29.68
C SER B 124 5.45 4.73 -28.58
N LYS B 125 6.19 5.76 -28.17
CA LYS B 125 5.79 6.62 -27.06
C LYS B 125 5.18 7.93 -27.52
N GLY B 126 4.84 8.06 -28.81
CA GLY B 126 4.31 9.30 -29.33
C GLY B 126 3.22 9.07 -30.34
N ILE B 127 2.38 10.09 -30.50
CA ILE B 127 1.29 10.05 -31.48
C ILE B 127 1.86 10.35 -32.86
N GLN B 128 1.60 9.46 -33.80
CA GLN B 128 2.18 9.57 -35.13
C GLN B 128 1.31 10.43 -36.03
N THR B 129 1.95 11.38 -36.72
CA THR B 129 1.26 12.27 -37.65
C THR B 129 1.34 11.80 -39.10
N GLY B 130 2.01 10.68 -39.38
CA GLY B 130 2.07 10.14 -40.72
C GLY B 130 2.81 11.00 -41.73
N ARG B 131 3.99 11.49 -41.37
CA ARG B 131 4.79 12.33 -42.27
C ARG B 131 6.26 11.95 -42.11
N CYS B 132 6.81 11.24 -43.09
CA CYS B 132 8.19 10.76 -42.99
C CYS B 132 9.16 11.94 -43.09
N VAL B 133 10.00 12.10 -42.08
CA VAL B 133 10.94 13.22 -41.97
C VAL B 133 12.32 12.63 -41.65
N VAL B 134 13.38 13.37 -42.01
CA VAL B 134 14.74 12.92 -41.74
C VAL B 134 15.02 12.96 -40.25
N TYR B 135 15.61 11.88 -39.73
CA TYR B 135 15.94 11.79 -38.32
C TYR B 135 17.41 12.14 -38.07
N LYS B 136 18.32 11.39 -38.69
CA LYS B 136 19.75 11.61 -38.49
C LYS B 136 20.55 10.86 -39.55
N GLU B 137 21.53 11.55 -40.13
CA GLU B 137 22.34 11.05 -41.26
C GLU B 137 21.51 10.21 -42.24
N ARG B 138 20.56 10.88 -42.89
CA ARG B 138 19.84 10.37 -44.04
C ARG B 138 18.94 9.19 -43.71
N LEU B 139 18.62 8.98 -42.44
CA LEU B 139 17.59 8.03 -42.03
C LEU B 139 16.26 8.75 -42.03
N LYS B 140 15.19 8.04 -42.37
CA LYS B 140 13.86 8.66 -42.48
C LYS B 140 12.87 7.89 -41.61
N THR B 141 12.17 8.61 -40.75
CA THR B 141 11.08 8.04 -39.95
C THR B 141 10.01 9.11 -39.81
N CYS B 142 8.75 8.70 -39.66
CA CYS B 142 7.71 9.71 -39.50
C CYS B 142 7.61 10.12 -38.03
N GLU B 143 7.78 11.41 -37.78
CA GLU B 143 7.97 11.90 -36.43
C GLU B 143 6.65 11.88 -35.65
N VAL B 144 6.78 12.00 -34.34
CA VAL B 144 5.64 11.91 -33.43
C VAL B 144 5.52 13.20 -32.65
N SER B 145 4.30 13.51 -32.26
CA SER B 145 3.99 14.66 -31.42
C SER B 145 4.00 14.17 -29.97
N ALA B 146 5.08 14.44 -29.25
CA ALA B 146 5.26 13.93 -27.91
C ALA B 146 6.32 14.75 -27.20
N TRP B 147 6.81 14.22 -26.08
CA TRP B 147 7.99 14.76 -25.43
C TRP B 147 9.19 14.62 -26.35
N CYS B 148 10.03 15.64 -26.38
CA CYS B 148 11.20 15.61 -27.25
C CYS B 148 12.42 16.10 -26.50
N PRO B 149 13.60 15.57 -26.83
CA PRO B 149 13.88 14.53 -27.84
C PRO B 149 13.45 13.15 -27.34
N ILE B 150 13.18 12.21 -28.27
CA ILE B 150 12.63 10.93 -27.88
C ILE B 150 13.71 10.10 -27.17
N GLU B 151 13.28 9.33 -26.17
CA GLU B 151 14.19 8.46 -25.45
C GLU B 151 14.65 7.31 -26.34
N GLU B 152 15.92 6.95 -26.21
CA GLU B 152 16.48 5.84 -26.97
C GLU B 152 16.30 4.55 -26.18
N VAL B 153 15.51 3.63 -26.73
CA VAL B 153 15.22 2.38 -26.04
C VAL B 153 16.45 1.49 -26.06
N LYS B 154 17.02 1.24 -24.88
CA LYS B 154 18.20 0.40 -24.73
C LYS B 154 18.03 -0.46 -23.49
N ASP B 155 19.09 -1.15 -23.10
CA ASP B 155 19.11 -1.91 -21.87
C ASP B 155 19.84 -1.13 -20.78
N ALA B 156 19.67 -1.58 -19.54
CA ALA B 156 20.41 -0.99 -18.44
C ALA B 156 21.90 -1.29 -18.58
N PRO B 157 22.76 -0.38 -18.12
CA PRO B 157 24.20 -0.63 -18.22
C PRO B 157 24.61 -1.91 -17.52
N ARG B 158 25.51 -2.67 -18.15
CA ARG B 158 25.87 -3.98 -17.63
C ARG B 158 26.48 -3.94 -16.23
N PRO B 159 27.42 -3.06 -15.90
CA PRO B 159 27.79 -2.91 -14.50
C PRO B 159 26.66 -2.29 -13.71
N ALA B 160 26.55 -2.71 -12.44
CA ALA B 160 25.50 -2.17 -11.58
C ALA B 160 25.82 -0.73 -11.21
N LEU B 161 24.95 0.19 -11.63
CA LEU B 161 25.16 1.60 -11.27
C LEU B 161 25.12 1.78 -9.77
N LEU B 162 24.21 1.11 -9.10
CA LEU B 162 24.22 1.00 -7.64
C LEU B 162 24.87 -0.32 -7.23
N ASN B 163 26.15 -0.46 -7.57
CA ASN B 163 26.87 -1.70 -7.30
C ASN B 163 27.03 -1.96 -5.81
N SER B 164 26.89 -0.93 -4.97
CA SER B 164 27.06 -1.07 -3.53
C SER B 164 25.73 -1.36 -2.82
N ALA B 165 24.67 -1.63 -3.58
CA ALA B 165 23.35 -1.79 -2.98
C ALA B 165 23.32 -2.92 -1.95
N GLU B 166 24.09 -3.99 -2.19
CA GLU B 166 24.06 -5.12 -1.27
C GLU B 166 24.70 -4.79 0.08
N ASN B 167 25.35 -3.63 0.20
CA ASN B 167 25.96 -3.26 1.46
C ASN B 167 25.02 -2.48 2.38
N PHE B 168 23.76 -2.29 1.97
CA PHE B 168 22.81 -1.54 2.80
C PHE B 168 22.32 -2.39 3.97
N THR B 169 21.68 -1.74 4.93
CA THR B 169 21.09 -2.41 6.08
C THR B 169 19.64 -1.99 6.24
N VAL B 170 18.75 -2.95 6.39
CA VAL B 170 17.32 -2.67 6.59
C VAL B 170 16.91 -3.18 7.97
N LEU B 171 16.15 -2.35 8.68
CA LEU B 171 15.62 -2.67 10.00
C LEU B 171 14.10 -2.77 9.89
N ILE B 172 13.53 -3.82 10.51
CA ILE B 172 12.11 -4.12 10.41
C ILE B 172 11.54 -4.20 11.81
N LYS B 173 10.50 -3.42 12.07
CA LYS B 173 9.74 -3.49 13.32
C LYS B 173 8.33 -3.97 12.98
N ASN B 174 7.98 -5.15 13.48
CA ASN B 174 6.69 -5.76 13.22
C ASN B 174 5.90 -5.80 14.52
N ASN B 175 4.65 -5.36 14.45
CA ASN B 175 3.77 -5.37 15.62
C ASN B 175 2.50 -6.11 15.24
N ILE B 176 2.23 -7.22 15.92
CA ILE B 176 1.10 -8.08 15.62
C ILE B 176 0.07 -7.95 16.73
N ASP B 177 -1.19 -8.08 16.37
CA ASP B 177 -2.27 -8.17 17.34
C ASP B 177 -3.25 -9.23 16.90
N PHE B 178 -3.77 -9.96 17.88
CA PHE B 178 -4.89 -10.86 17.66
C PHE B 178 -6.14 -10.17 18.15
N PRO B 179 -7.20 -10.07 17.37
CA PRO B 179 -8.40 -9.38 17.84
C PRO B 179 -9.29 -10.23 18.75
N GLY B 180 -9.32 -11.54 18.53
CA GLY B 180 -10.10 -12.43 19.36
C GLY B 180 -9.62 -12.42 20.81
N HIS B 181 -8.40 -12.90 21.04
CA HIS B 181 -7.80 -12.77 22.36
C HIS B 181 -7.31 -11.34 22.58
N ASN B 182 -7.01 -11.03 23.83
CA ASN B 182 -6.49 -9.71 24.21
C ASN B 182 -4.96 -9.71 24.18
N TYR B 183 -4.40 -9.83 22.97
CA TYR B 183 -2.96 -9.96 22.83
C TYR B 183 -2.44 -9.09 21.70
N THR B 184 -1.40 -8.30 22.01
CA THR B 184 -0.64 -7.53 21.04
C THR B 184 0.82 -7.60 21.46
N THR B 185 1.72 -7.85 20.51
CA THR B 185 3.14 -7.91 20.81
C THR B 185 3.96 -7.47 19.62
N ARG B 186 5.18 -7.02 19.88
CA ARG B 186 6.06 -6.52 18.83
C ARG B 186 7.17 -7.52 18.54
N ASN B 187 7.96 -7.25 17.49
CA ASN B 187 9.01 -8.16 17.09
C ASN B 187 10.20 -8.09 18.02
N ILE B 188 10.58 -6.88 18.45
CA ILE B 188 11.77 -6.66 19.27
C ILE B 188 11.35 -6.55 20.73
N LEU B 189 11.92 -7.43 21.56
CA LEU B 189 11.69 -7.34 22.99
C LEU B 189 12.64 -6.33 23.62
N PRO B 190 12.25 -5.72 24.73
CA PRO B 190 13.17 -4.79 25.42
C PRO B 190 14.43 -5.49 25.88
N GLY B 191 15.55 -4.78 25.79
CA GLY B 191 16.82 -5.33 26.19
C GLY B 191 17.35 -6.36 25.21
N VAL B 192 17.66 -5.93 23.99
CA VAL B 192 18.15 -6.82 22.95
C VAL B 192 19.40 -6.21 22.34
N ASN B 193 20.18 -7.04 21.66
CA ASN B 193 21.39 -6.58 20.99
C ASN B 193 21.06 -5.58 19.89
N ILE B 194 21.73 -4.43 19.90
CA ILE B 194 21.50 -3.42 18.88
C ILE B 194 22.26 -3.77 17.61
N THR B 195 23.58 -3.87 17.70
CA THR B 195 24.40 -4.23 16.55
C THR B 195 24.12 -5.69 16.18
N CYS B 196 23.95 -5.94 14.88
CA CYS B 196 23.59 -7.27 14.42
C CYS B 196 23.91 -7.43 12.94
N THR B 197 23.97 -8.69 12.53
CA THR B 197 23.90 -9.06 11.11
C THR B 197 23.18 -10.40 11.08
N PHE B 198 22.04 -10.45 10.39
CA PHE B 198 21.18 -11.62 10.46
C PHE B 198 21.91 -12.85 9.94
N HIS B 199 21.69 -13.98 10.61
CA HIS B 199 22.27 -15.25 10.21
C HIS B 199 21.29 -16.36 10.55
N LYS B 200 21.37 -17.45 9.79
CA LYS B 200 20.45 -18.56 10.01
C LYS B 200 20.65 -19.18 11.39
N THR B 201 21.89 -19.33 11.80
CA THR B 201 22.21 -19.98 13.07
C THR B 201 22.94 -19.08 14.05
N GLN B 202 23.82 -18.18 13.56
CA GLN B 202 24.59 -17.35 14.47
C GLN B 202 23.70 -16.34 15.20
N ASN B 203 22.83 -15.64 14.46
CA ASN B 203 21.95 -14.63 15.02
C ASN B 203 20.63 -14.67 14.27
N PRO B 204 19.71 -15.53 14.69
CA PRO B 204 18.47 -15.75 13.93
C PRO B 204 17.26 -14.94 14.37
N GLN B 205 17.43 -13.97 15.26
CA GLN B 205 16.26 -13.27 15.80
C GLN B 205 16.28 -11.77 15.56
N CYS B 206 17.43 -11.11 15.71
CA CYS B 206 17.48 -9.68 15.49
C CYS B 206 17.33 -9.37 14.00
N PRO B 207 16.49 -8.38 13.67
CA PRO B 207 15.98 -8.29 12.31
C PRO B 207 16.79 -7.44 11.34
N ILE B 208 18.02 -7.06 11.69
CA ILE B 208 18.85 -6.27 10.78
C ILE B 208 19.26 -7.15 9.60
N PHE B 209 18.81 -6.79 8.40
CA PHE B 209 19.08 -7.58 7.21
C PHE B 209 20.05 -6.84 6.29
N ARG B 210 20.98 -7.59 5.71
CA ARG B 210 21.83 -7.10 4.63
C ARG B 210 21.32 -7.66 3.31
N LEU B 211 21.30 -6.81 2.28
CA LEU B 211 20.78 -7.25 0.98
C LEU B 211 21.65 -8.34 0.37
N GLY B 212 22.97 -8.22 0.49
CA GLY B 212 23.84 -9.30 0.06
C GLY B 212 23.58 -10.58 0.84
N ASP B 213 23.32 -10.44 2.15
CA ASP B 213 23.00 -11.60 2.97
C ASP B 213 21.72 -12.28 2.48
N ILE B 214 20.68 -11.51 2.20
CA ILE B 214 19.41 -12.11 1.81
C ILE B 214 19.52 -12.75 0.44
N PHE B 215 20.30 -12.13 -0.46
CA PHE B 215 20.52 -12.77 -1.76
C PHE B 215 21.30 -14.07 -1.61
N GLN B 216 22.31 -14.08 -0.74
CA GLN B 216 23.06 -15.30 -0.49
C GLN B 216 22.15 -16.40 0.05
N GLU B 217 21.26 -16.05 0.97
CA GLU B 217 20.32 -17.03 1.50
C GLU B 217 19.42 -17.55 0.39
N THR B 218 18.94 -16.66 -0.49
CA THR B 218 18.13 -17.09 -1.62
C THR B 218 18.92 -17.95 -2.60
N GLY B 219 20.17 -17.60 -2.88
CA GLY B 219 21.00 -18.37 -3.78
C GLY B 219 21.27 -17.73 -5.13
N ASP B 220 20.72 -16.55 -5.39
CA ASP B 220 20.94 -15.89 -6.68
C ASP B 220 21.96 -14.77 -6.54
N SER B 221 22.68 -14.52 -7.64
CA SER B 221 23.66 -13.44 -7.66
C SER B 221 22.97 -12.09 -7.62
N PHE B 222 23.59 -11.14 -6.92
CA PHE B 222 22.96 -9.83 -6.76
C PHE B 222 23.09 -8.97 -8.00
N SER B 223 24.22 -9.04 -8.71
CA SER B 223 24.45 -8.14 -9.83
C SER B 223 23.46 -8.40 -10.96
N ASP B 224 23.29 -9.67 -11.33
CA ASP B 224 22.44 -10.00 -12.46
C ASP B 224 20.99 -9.60 -12.19
N VAL B 225 20.49 -9.92 -10.99
CA VAL B 225 19.12 -9.55 -10.63
C VAL B 225 18.99 -8.03 -10.58
N ALA B 226 20.00 -7.36 -10.03
CA ALA B 226 19.95 -5.90 -9.92
C ALA B 226 19.96 -5.21 -11.27
N ILE B 227 20.57 -5.81 -12.29
CA ILE B 227 20.62 -5.16 -13.60
C ILE B 227 19.22 -4.94 -14.16
N GLN B 228 18.36 -5.95 -14.07
CA GLN B 228 17.02 -5.86 -14.62
C GLN B 228 15.94 -5.75 -13.56
N GLY B 229 16.28 -5.84 -12.28
CA GLY B 229 15.31 -5.71 -11.22
C GLY B 229 14.54 -6.99 -10.97
N GLY B 230 13.91 -7.04 -9.79
CA GLY B 230 13.13 -8.19 -9.41
C GLY B 230 12.45 -7.94 -8.08
N ILE B 231 11.50 -8.80 -7.77
CA ILE B 231 10.70 -8.70 -6.55
C ILE B 231 10.94 -9.92 -5.70
N MET B 232 11.24 -9.71 -4.41
CA MET B 232 11.37 -10.81 -3.47
C MET B 232 10.78 -10.42 -2.13
N GLY B 233 10.39 -11.44 -1.37
CA GLY B 233 9.61 -11.24 -0.15
C GLY B 233 10.38 -11.65 1.09
N ILE B 234 10.10 -10.97 2.19
CA ILE B 234 10.71 -11.28 3.48
C ILE B 234 9.58 -11.85 4.34
N GLU B 235 9.40 -13.16 4.30
CA GLU B 235 8.29 -13.76 5.01
C GLU B 235 8.61 -13.90 6.49
N ILE B 236 7.69 -13.47 7.33
CA ILE B 236 7.83 -13.49 8.77
C ILE B 236 6.72 -14.40 9.30
N TYR B 237 7.08 -15.46 10.01
CA TYR B 237 6.14 -16.47 10.45
C TYR B 237 6.01 -16.43 11.95
N TRP B 238 4.80 -16.19 12.45
CA TRP B 238 4.53 -16.11 13.89
C TRP B 238 3.78 -17.37 14.30
N ASP B 239 4.47 -18.30 14.96
CA ASP B 239 3.85 -19.49 15.53
C ASP B 239 3.80 -19.30 17.04
N CYS B 240 2.74 -18.65 17.50
CA CYS B 240 2.61 -18.25 18.89
C CYS B 240 1.54 -19.10 19.57
N ASN B 241 1.83 -19.57 20.79
CA ASN B 241 0.90 -20.32 21.61
C ASN B 241 0.62 -19.48 22.84
N LEU B 242 -0.66 -19.26 23.13
CA LEU B 242 -1.07 -18.35 24.18
C LEU B 242 -1.33 -19.02 25.53
N ASP B 243 -1.24 -20.35 25.59
CA ASP B 243 -1.47 -21.05 26.86
C ASP B 243 -0.33 -20.68 27.81
N GLY B 244 -0.66 -20.47 29.08
CA GLY B 244 0.35 -20.04 30.04
C GLY B 244 1.36 -21.12 30.36
N TRP B 245 0.97 -22.39 30.22
CA TRP B 245 1.87 -23.49 30.57
C TRP B 245 3.07 -23.53 29.63
N PHE B 246 2.84 -23.46 28.33
CA PHE B 246 3.89 -23.47 27.31
C PHE B 246 3.64 -22.28 26.39
N HIS B 247 4.17 -21.12 26.78
CA HIS B 247 3.94 -19.87 26.06
C HIS B 247 5.24 -19.42 25.40
N HIS B 248 5.21 -19.29 24.08
CA HIS B 248 6.32 -18.70 23.35
C HIS B 248 5.79 -18.11 22.05
N CYS B 249 6.05 -16.82 21.86
CA CYS B 249 5.57 -16.09 20.68
C CYS B 249 6.78 -15.39 20.05
N ARG B 250 7.48 -16.12 19.19
CA ARG B 250 8.68 -15.61 18.57
C ARG B 250 8.62 -15.90 17.07
N PRO B 251 9.13 -15.00 16.24
CA PRO B 251 8.98 -15.14 14.79
C PRO B 251 10.12 -15.94 14.19
N LYS B 252 9.86 -16.45 12.98
CA LYS B 252 10.88 -17.11 12.18
C LYS B 252 10.97 -16.38 10.85
N TYR B 253 12.19 -16.09 10.43
CA TYR B 253 12.43 -15.32 9.21
C TYR B 253 12.75 -16.27 8.06
N SER B 254 12.05 -16.09 6.93
CA SER B 254 12.33 -16.86 5.74
C SER B 254 12.36 -15.91 4.54
N PHE B 255 13.16 -16.27 3.54
CA PHE B 255 13.37 -15.42 2.38
C PHE B 255 13.04 -16.20 1.11
N ARG B 256 12.40 -15.53 0.17
CA ARG B 256 12.10 -16.16 -1.11
C ARG B 256 12.06 -15.10 -2.20
N ARG B 257 12.29 -15.55 -3.44
CA ARG B 257 12.23 -14.67 -4.60
C ARG B 257 10.84 -14.75 -5.21
N LEU B 258 10.15 -13.61 -5.28
CA LEU B 258 8.79 -13.57 -5.79
C LEU B 258 8.72 -13.44 -7.30
N ASP B 259 9.86 -13.28 -7.97
CA ASP B 259 9.86 -13.12 -9.41
C ASP B 259 9.72 -14.47 -10.10
N ASP B 260 9.70 -14.43 -11.44
CA ASP B 260 9.47 -15.62 -12.24
C ASP B 260 10.63 -15.97 -13.16
N LYS B 261 11.56 -15.04 -13.41
CA LYS B 261 12.64 -15.24 -14.39
C LYS B 261 12.06 -15.61 -15.76
N THR B 262 11.19 -14.75 -16.28
CA THR B 262 10.54 -15.04 -17.56
C THR B 262 11.51 -14.91 -18.72
N THR B 263 12.32 -13.84 -18.73
CA THR B 263 13.31 -13.56 -19.76
C THR B 263 12.71 -13.38 -21.15
N SER B 264 11.41 -13.08 -21.23
CA SER B 264 10.74 -12.85 -22.51
C SER B 264 10.41 -11.37 -22.64
N GLU B 265 10.71 -10.81 -23.82
CA GLU B 265 10.56 -9.38 -24.02
C GLU B 265 9.12 -8.93 -23.87
N SER B 266 8.17 -9.73 -24.38
CA SER B 266 6.76 -9.33 -24.33
C SER B 266 6.21 -9.28 -22.91
N LEU B 267 6.87 -9.93 -21.96
CA LEU B 267 6.39 -10.00 -20.60
C LEU B 267 7.09 -9.02 -19.66
N TYR B 268 7.90 -8.11 -20.20
CA TYR B 268 8.57 -7.08 -19.40
C TYR B 268 9.41 -7.74 -18.31
N PRO B 269 10.51 -8.40 -18.67
CA PRO B 269 11.28 -9.12 -17.65
C PRO B 269 11.87 -8.16 -16.62
N GLY B 270 11.99 -8.65 -15.39
CA GLY B 270 12.49 -7.83 -14.32
C GLY B 270 11.48 -6.79 -13.87
N TYR B 271 11.97 -5.85 -13.08
CA TYR B 271 11.16 -4.76 -12.54
C TYR B 271 11.73 -3.43 -12.99
N ASN B 272 10.89 -2.59 -13.58
CA ASN B 272 11.31 -1.26 -14.00
C ASN B 272 10.09 -0.39 -14.19
N PHE B 273 10.31 0.92 -14.17
CA PHE B 273 9.26 1.89 -14.45
C PHE B 273 9.89 3.19 -14.92
N ARG B 274 9.05 4.19 -15.16
CA ARG B 274 9.49 5.47 -15.66
C ARG B 274 8.98 6.57 -14.74
N TYR B 275 9.84 7.55 -14.45
CA TYR B 275 9.54 8.61 -13.51
C TYR B 275 9.93 9.95 -14.14
N ALA B 276 9.27 11.02 -13.73
CA ALA B 276 9.49 12.33 -14.33
C ALA B 276 9.72 13.39 -13.27
N LYS B 277 10.64 14.31 -13.55
CA LYS B 277 10.90 15.47 -12.71
C LYS B 277 10.65 16.73 -13.52
N TYR B 278 9.83 17.63 -12.99
CA TYR B 278 9.38 18.79 -13.73
C TYR B 278 10.06 20.06 -13.22
N TYR B 279 10.25 21.02 -14.12
CA TYR B 279 10.84 22.29 -13.76
C TYR B 279 10.53 23.31 -14.85
N LYS B 280 10.85 24.57 -14.54
CA LYS B 280 10.64 25.69 -15.46
C LYS B 280 12.00 26.24 -15.88
N GLU B 281 12.24 26.28 -17.19
CA GLU B 281 13.44 26.86 -17.75
C GLU B 281 13.03 27.89 -18.80
N ASN B 282 13.49 29.13 -18.62
CA ASN B 282 13.13 30.25 -19.49
C ASN B 282 11.61 30.38 -19.61
N ASN B 283 10.92 30.21 -18.48
CA ASN B 283 9.47 30.26 -18.39
C ASN B 283 8.79 29.23 -19.28
N VAL B 284 9.47 28.11 -19.53
CA VAL B 284 8.91 27.01 -20.33
C VAL B 284 9.02 25.74 -19.52
N GLU B 285 7.93 24.97 -19.48
CA GLU B 285 7.94 23.71 -18.74
C GLU B 285 8.82 22.69 -19.45
N LYS B 286 9.73 22.08 -18.69
CA LYS B 286 10.67 21.11 -19.24
C LYS B 286 10.82 19.99 -18.22
N ARG B 287 10.47 18.77 -18.63
CA ARG B 287 10.58 17.61 -17.75
C ARG B 287 11.81 16.80 -18.11
N THR B 288 12.33 16.07 -17.14
CA THR B 288 13.42 15.14 -17.33
C THR B 288 12.96 13.74 -16.89
N LEU B 289 13.37 12.74 -17.65
CA LEU B 289 12.84 11.39 -17.51
C LEU B 289 13.91 10.46 -16.93
N ILE B 290 13.53 9.64 -15.97
CA ILE B 290 14.39 8.65 -15.35
C ILE B 290 13.74 7.28 -15.57
N LYS B 291 14.49 6.37 -16.18
CA LYS B 291 14.05 4.98 -16.29
C LYS B 291 14.69 4.20 -15.16
N VAL B 292 13.86 3.65 -14.28
CA VAL B 292 14.29 3.07 -13.01
C VAL B 292 14.20 1.56 -13.09
N PHE B 293 15.31 0.89 -12.82
CA PHE B 293 15.33 -0.53 -12.52
C PHE B 293 15.68 -0.69 -11.04
N GLY B 294 14.87 -1.43 -10.31
CA GLY B 294 15.08 -1.52 -8.87
C GLY B 294 14.59 -2.86 -8.33
N ILE B 295 14.97 -3.10 -7.08
CA ILE B 295 14.55 -4.29 -6.35
C ILE B 295 13.46 -3.88 -5.37
N ARG B 296 12.26 -4.39 -5.58
CA ARG B 296 11.12 -4.07 -4.71
C ARG B 296 10.96 -5.18 -3.68
N PHE B 297 11.14 -4.85 -2.41
CA PHE B 297 11.04 -5.81 -1.33
C PHE B 297 9.61 -5.83 -0.80
N ASP B 298 9.14 -7.02 -0.45
CA ASP B 298 7.85 -7.20 0.20
C ASP B 298 8.04 -7.91 1.54
N ILE B 299 7.22 -7.54 2.51
CA ILE B 299 7.24 -8.15 3.83
C ILE B 299 5.91 -8.90 3.97
N LEU B 300 5.91 -10.18 3.59
CA LEU B 300 4.71 -11.01 3.60
C LEU B 300 4.61 -11.69 4.96
N VAL B 301 3.89 -11.06 5.87
CA VAL B 301 3.75 -11.55 7.24
C VAL B 301 2.47 -12.35 7.35
N PHE B 302 2.56 -13.47 8.08
CA PHE B 302 1.40 -14.32 8.33
C PHE B 302 1.68 -15.17 9.57
N GLY B 303 0.61 -15.65 10.18
CA GLY B 303 0.74 -16.50 11.34
C GLY B 303 -0.61 -16.71 12.00
N THR B 304 -0.63 -17.67 12.92
CA THR B 304 -1.86 -18.02 13.62
C THR B 304 -1.57 -18.08 15.12
N GLY B 305 -2.63 -17.94 15.91
CA GLY B 305 -2.53 -18.07 17.35
C GLY B 305 -3.87 -18.45 17.93
N GLY B 306 -3.81 -19.14 19.05
CA GLY B 306 -5.03 -19.64 19.70
C GLY B 306 -4.84 -19.81 21.18
N LYS B 307 -5.96 -19.89 21.89
CA LYS B 307 -5.97 -20.11 23.32
C LYS B 307 -6.78 -21.37 23.65
N PHE B 308 -6.56 -21.86 24.86
CA PHE B 308 -7.35 -22.98 25.38
C PHE B 308 -8.82 -22.59 25.42
N ASN B 309 -9.67 -23.47 24.90
CA ASN B 309 -11.10 -23.24 24.87
C ASN B 309 -11.82 -24.53 25.23
N VAL B 310 -12.82 -24.43 26.10
CA VAL B 310 -13.53 -25.63 26.56
C VAL B 310 -14.36 -26.24 25.42
N ILE B 311 -14.95 -25.39 24.58
CA ILE B 311 -15.89 -25.87 23.56
C ILE B 311 -15.20 -26.78 22.55
N GLN B 312 -14.01 -26.37 22.09
CA GLN B 312 -13.28 -27.20 21.12
C GLN B 312 -12.90 -28.55 21.73
N LEU B 313 -12.42 -28.55 22.97
CA LEU B 313 -12.08 -29.80 23.63
C LEU B 313 -13.31 -30.69 23.75
N ALA B 314 -14.44 -30.12 24.15
CA ALA B 314 -15.66 -30.92 24.31
C ALA B 314 -16.11 -31.51 22.98
N VAL B 315 -16.11 -30.72 21.91
CA VAL B 315 -16.61 -31.25 20.64
C VAL B 315 -15.65 -32.30 20.09
N TYR B 316 -14.34 -32.10 20.27
CA TYR B 316 -13.40 -33.10 19.78
C TYR B 316 -13.54 -34.42 20.52
N ILE B 317 -13.72 -34.35 21.85
CA ILE B 317 -13.95 -35.58 22.61
C ILE B 317 -15.24 -36.25 22.16
N GLY B 318 -16.31 -35.47 21.99
CA GLY B 318 -17.55 -36.05 21.53
C GLY B 318 -17.44 -36.70 20.17
N SER B 319 -16.58 -36.16 19.30
CA SER B 319 -16.33 -36.75 18.00
C SER B 319 -15.51 -38.03 18.08
N VAL B 320 -14.51 -38.11 18.95
CA VAL B 320 -13.65 -39.28 19.00
C VAL B 320 -14.30 -40.40 19.81
N ILE B 321 -15.34 -40.07 20.58
CA ILE B 321 -16.01 -41.08 21.38
C ILE B 321 -16.60 -42.16 20.48
N SER B 322 -17.34 -41.76 19.44
CA SER B 322 -17.89 -42.74 18.52
C SER B 322 -16.79 -43.47 17.77
N TYR B 323 -15.71 -42.76 17.44
CA TYR B 323 -14.62 -43.37 16.67
C TYR B 323 -14.00 -44.53 17.43
N PHE B 324 -13.77 -44.35 18.73
CA PHE B 324 -13.24 -45.48 19.50
C PHE B 324 -14.33 -46.50 19.85
N GLY B 325 -15.58 -46.07 20.04
CA GLY B 325 -16.62 -47.01 20.39
C GLY B 325 -16.91 -48.01 19.30
N LEU B 326 -16.98 -47.55 18.04
CA LEU B 326 -17.22 -48.48 16.94
C LEU B 326 -16.05 -49.44 16.75
N ALA B 327 -14.81 -48.96 16.86
CA ALA B 327 -13.66 -49.86 16.74
C ALA B 327 -13.64 -50.87 17.87
N THR B 328 -14.15 -50.48 19.04
CA THR B 328 -14.30 -51.45 20.13
C THR B 328 -15.29 -52.55 19.74
N VAL B 329 -16.37 -52.18 19.04
CA VAL B 329 -17.38 -53.17 18.66
C VAL B 329 -16.80 -54.19 17.69
N PHE B 330 -16.05 -53.73 16.69
CA PHE B 330 -15.46 -54.62 15.71
C PHE B 330 -13.99 -54.89 16.02
N TRP C 11 -34.13 -51.02 6.04
CA TRP C 11 -32.67 -50.99 6.08
C TRP C 11 -32.24 -49.98 5.02
N ILE C 12 -33.18 -49.64 4.14
CA ILE C 12 -32.93 -48.61 3.14
C ILE C 12 -32.68 -47.26 3.78
N PHE C 13 -33.35 -47.00 4.92
CA PHE C 13 -33.04 -45.79 5.68
C PHE C 13 -31.62 -45.83 6.21
N HIS C 14 -31.11 -47.02 6.55
CA HIS C 14 -29.71 -47.16 6.93
C HIS C 14 -28.78 -46.92 5.76
N ALA C 15 -29.30 -46.95 4.53
CA ALA C 15 -28.48 -46.74 3.33
C ALA C 15 -28.55 -45.32 2.81
N LEU C 16 -29.67 -44.62 3.00
CA LEU C 16 -29.77 -43.24 2.52
C LEU C 16 -28.79 -42.33 3.26
N VAL C 17 -28.52 -42.61 4.52
CA VAL C 17 -27.55 -41.82 5.27
C VAL C 17 -26.16 -41.98 4.67
N PHE C 18 -25.83 -43.18 4.18
CA PHE C 18 -24.53 -43.38 3.53
C PHE C 18 -24.40 -42.51 2.29
N SER C 19 -25.44 -42.47 1.47
CA SER C 19 -25.41 -41.62 0.28
C SER C 19 -25.30 -40.15 0.65
N TYR C 20 -26.06 -39.72 1.67
CA TYR C 20 -25.99 -38.33 2.10
C TYR C 20 -24.59 -37.97 2.58
N ILE C 21 -23.97 -38.85 3.37
CA ILE C 21 -22.65 -38.55 3.93
C ILE C 21 -21.60 -38.52 2.82
N SER C 22 -21.67 -39.48 1.88
CA SER C 22 -20.72 -39.46 0.77
C SER C 22 -20.90 -38.21 -0.08
N PHE C 23 -22.15 -37.81 -0.34
CA PHE C 23 -22.41 -36.59 -1.08
C PHE C 23 -21.79 -35.38 -0.38
N ALA C 24 -22.02 -35.23 0.92
CA ALA C 24 -21.48 -34.09 1.63
C ALA C 24 -19.95 -34.10 1.61
N LEU C 25 -19.35 -35.26 1.88
CA LEU C 25 -17.89 -35.35 1.95
C LEU C 25 -17.26 -35.02 0.61
N ILE C 26 -17.84 -35.53 -0.49
CA ILE C 26 -17.28 -35.24 -1.80
C ILE C 26 -17.48 -33.76 -2.16
N SER C 27 -18.67 -33.21 -1.87
CA SER C 27 -18.97 -31.84 -2.29
C SER C 27 -18.11 -30.83 -1.56
N ASP C 28 -18.06 -30.91 -0.23
CA ASP C 28 -17.37 -29.85 0.51
C ASP C 28 -15.93 -30.18 0.83
N LYS C 29 -15.45 -31.37 0.45
CA LYS C 29 -14.07 -31.78 0.66
C LYS C 29 -13.67 -31.71 2.13
N ARG C 30 -14.30 -32.54 2.97
CA ARG C 30 -13.96 -32.55 4.40
C ARG C 30 -12.64 -33.26 4.67
N TYR C 31 -12.09 -33.96 3.68
CA TYR C 31 -10.83 -34.66 3.85
C TYR C 31 -9.62 -33.80 3.54
N GLN C 32 -9.75 -32.49 3.65
CA GLN C 32 -8.73 -31.55 3.22
C GLN C 32 -8.43 -30.57 4.35
N LYS C 33 -7.16 -30.22 4.51
CA LYS C 33 -6.75 -29.21 5.49
C LYS C 33 -6.67 -27.87 4.77
N LYS C 34 -7.75 -27.09 4.86
CA LYS C 34 -7.85 -25.82 4.15
C LYS C 34 -7.04 -24.75 4.86
N GLU C 35 -6.18 -24.05 4.12
CA GLU C 35 -5.35 -22.99 4.66
C GLU C 35 -5.48 -21.71 3.84
N PRO C 36 -5.27 -20.55 4.45
CA PRO C 36 -5.39 -19.29 3.71
C PRO C 36 -4.28 -19.14 2.68
N LEU C 37 -4.29 -17.97 2.03
CA LEU C 37 -3.44 -17.69 0.88
C LEU C 37 -2.57 -16.47 1.15
N ILE C 38 -1.35 -16.48 0.61
CA ILE C 38 -0.48 -15.31 0.66
C ILE C 38 -0.20 -14.91 -0.79
N SER C 39 -0.22 -13.61 -1.08
CA SER C 39 -0.21 -13.15 -2.46
C SER C 39 0.82 -12.05 -2.68
N SER C 40 1.27 -11.96 -3.94
CA SER C 40 2.07 -10.86 -4.44
C SER C 40 1.55 -10.47 -5.82
N VAL C 41 1.44 -9.16 -6.07
CA VAL C 41 0.84 -8.66 -7.28
C VAL C 41 1.80 -7.68 -7.94
N HIS C 42 1.89 -7.76 -9.28
CA HIS C 42 2.76 -6.86 -10.04
C HIS C 42 1.99 -6.40 -11.28
N THR C 43 1.83 -5.09 -11.43
CA THR C 43 0.96 -4.53 -12.46
C THR C 43 1.74 -3.61 -13.38
N LYS C 44 1.50 -3.75 -14.69
CA LYS C 44 2.10 -2.86 -15.68
C LYS C 44 1.01 -2.29 -16.58
N VAL C 45 0.95 -0.96 -16.67
CA VAL C 45 -0.06 -0.27 -17.48
C VAL C 45 0.63 0.33 -18.69
N LYS C 46 0.06 0.12 -19.88
CA LYS C 46 0.65 0.60 -21.11
C LYS C 46 -0.44 1.19 -22.00
N GLY C 47 -0.05 2.20 -22.76
CA GLY C 47 -0.94 2.90 -23.68
C GLY C 47 -0.83 4.39 -23.46
N ILE C 48 -0.47 5.11 -24.52
CA ILE C 48 -0.30 6.55 -24.45
C ILE C 48 -1.64 7.21 -24.68
N ALA C 49 -1.74 8.47 -24.25
CA ALA C 49 -2.96 9.24 -24.36
C ALA C 49 -2.67 10.62 -24.90
N GLU C 50 -3.65 11.19 -25.61
CA GLU C 50 -3.53 12.51 -26.18
C GLU C 50 -4.67 13.37 -25.64
N VAL C 51 -4.36 14.60 -25.25
CA VAL C 51 -5.33 15.53 -24.72
C VAL C 51 -5.36 16.77 -25.61
N LYS C 52 -6.58 17.20 -25.97
CA LYS C 52 -6.75 18.40 -26.78
C LYS C 52 -8.18 18.89 -26.56
N ALA C 53 -8.33 20.03 -25.89
CA ALA C 53 -9.64 20.54 -25.57
C ALA C 53 -9.55 22.02 -25.25
N GLU C 54 -10.71 22.63 -25.01
CA GLU C 54 -10.83 24.04 -24.64
C GLU C 54 -11.53 24.14 -23.30
N ILE C 55 -10.87 24.77 -22.33
CA ILE C 55 -11.43 24.97 -21.00
C ILE C 55 -11.54 26.47 -20.74
N LEU C 56 -12.04 26.84 -19.57
CA LEU C 56 -12.16 28.24 -19.19
C LEU C 56 -11.64 28.44 -17.77
N GLU C 57 -10.86 29.50 -17.60
CA GLU C 57 -10.33 29.89 -16.30
C GLU C 57 -10.50 31.39 -16.12
N ASN C 58 -11.02 31.80 -14.97
CA ASN C 58 -11.29 33.21 -14.66
C ASN C 58 -12.24 33.82 -15.68
N GLY C 59 -13.11 32.98 -16.26
CA GLY C 59 -14.03 33.41 -17.27
C GLY C 59 -13.44 33.59 -18.65
N MET C 60 -12.17 33.25 -18.85
CA MET C 60 -11.50 33.40 -20.13
C MET C 60 -11.18 32.03 -20.70
N LYS C 61 -11.44 31.86 -22.00
CA LYS C 61 -11.21 30.57 -22.65
C LYS C 61 -9.73 30.36 -22.92
N LYS C 62 -9.31 29.09 -22.84
CA LYS C 62 -7.95 28.68 -23.12
C LYS C 62 -7.98 27.28 -23.72
N MET C 63 -6.88 26.91 -24.38
CA MET C 63 -6.77 25.62 -25.04
C MET C 63 -5.67 24.80 -24.36
N VAL C 64 -5.98 23.55 -24.05
CA VAL C 64 -5.03 22.64 -23.40
C VAL C 64 -4.79 21.45 -24.32
N SER C 65 -3.51 21.19 -24.62
CA SER C 65 -3.14 20.09 -25.47
C SER C 65 -1.84 19.47 -24.96
N GLY C 66 -1.64 18.20 -25.25
CA GLY C 66 -0.45 17.51 -24.82
C GLY C 66 -0.61 16.00 -24.96
N VAL C 67 0.41 15.29 -24.47
CA VAL C 67 0.50 13.85 -24.60
C VAL C 67 1.00 13.27 -23.28
N PHE C 68 0.37 12.20 -22.83
CA PHE C 68 0.73 11.52 -21.58
C PHE C 68 1.23 10.12 -21.93
N ASP C 69 2.34 9.72 -21.33
CA ASP C 69 3.16 8.61 -21.81
C ASP C 69 3.38 7.53 -20.73
N THR C 70 2.34 7.27 -19.92
CA THR C 70 2.32 6.20 -18.93
C THR C 70 3.34 6.39 -17.82
N ALA C 71 4.12 7.47 -17.90
CA ALA C 71 4.86 7.98 -16.76
C ALA C 71 4.32 9.31 -16.28
N ASP C 72 3.30 9.83 -16.93
CA ASP C 72 2.78 11.15 -16.62
C ASP C 72 1.45 11.06 -15.86
N TYR C 73 0.66 10.01 -16.10
CA TYR C 73 -0.68 9.93 -15.56
C TYR C 73 -0.86 8.84 -14.52
N THR C 74 0.23 8.30 -13.98
CA THR C 74 0.12 7.27 -12.95
C THR C 74 1.40 7.20 -12.16
N PHE C 75 1.33 6.54 -11.01
CA PHE C 75 2.49 6.25 -10.19
C PHE C 75 2.61 4.74 -10.04
N PRO C 76 3.80 4.23 -9.72
CA PRO C 76 3.99 2.78 -9.67
C PRO C 76 3.08 2.12 -8.63
N LEU C 77 2.79 0.85 -8.89
CA LEU C 77 1.91 0.08 -8.02
C LEU C 77 2.43 0.08 -6.59
N GLN C 78 1.53 0.29 -5.64
CA GLN C 78 1.90 0.31 -4.22
C GLN C 78 0.74 -0.26 -3.42
N GLY C 79 0.92 -1.47 -2.89
CA GLY C 79 -0.10 -2.09 -2.07
C GLY C 79 -1.38 -2.48 -2.78
N ASN C 80 -1.27 -3.10 -3.96
CA ASN C 80 -2.42 -3.64 -4.69
C ASN C 80 -3.40 -2.55 -5.11
N SER C 81 -2.87 -1.43 -5.60
CA SER C 81 -3.72 -0.33 -6.05
C SER C 81 -2.92 0.56 -6.99
N PHE C 82 -3.27 0.55 -8.28
CA PHE C 82 -2.64 1.43 -9.25
C PHE C 82 -3.68 2.40 -9.79
N PHE C 83 -3.31 3.67 -9.83
CA PHE C 83 -4.22 4.76 -10.15
C PHE C 83 -4.02 5.24 -11.58
N VAL C 84 -5.10 5.68 -12.21
CA VAL C 84 -5.07 6.17 -13.59
C VAL C 84 -5.73 7.54 -13.64
N MET C 85 -5.01 8.54 -14.15
CA MET C 85 -5.57 9.87 -14.35
C MET C 85 -6.68 9.84 -15.39
N THR C 86 -7.72 10.62 -15.17
CA THR C 86 -8.76 10.83 -16.16
C THR C 86 -9.05 12.28 -16.47
N ASN C 87 -9.02 13.17 -15.48
CA ASN C 87 -9.35 14.58 -15.71
C ASN C 87 -8.59 15.43 -14.71
N PHE C 88 -8.28 16.67 -15.10
CA PHE C 88 -7.49 17.54 -14.25
C PHE C 88 -7.96 18.98 -14.39
N ILE C 89 -7.80 19.72 -13.30
CA ILE C 89 -8.03 21.16 -13.26
C ILE C 89 -6.74 21.84 -12.82
N LYS C 90 -6.26 22.78 -13.62
CA LYS C 90 -4.94 23.37 -13.44
C LYS C 90 -5.03 24.73 -12.77
N THR C 91 -3.96 25.07 -12.05
CA THR C 91 -3.78 26.42 -11.53
C THR C 91 -2.28 26.66 -11.39
N GLU C 92 -1.82 27.82 -11.84
CA GLU C 92 -0.40 28.15 -11.81
C GLU C 92 -0.20 29.54 -11.21
N GLY C 93 1.03 29.80 -10.79
CA GLY C 93 1.35 31.07 -10.17
C GLY C 93 0.98 31.17 -8.71
N GLN C 94 0.77 30.04 -8.03
CA GLN C 94 0.44 30.07 -6.62
C GLN C 94 1.65 30.52 -5.80
N GLN C 95 1.41 31.39 -4.82
CA GLN C 95 2.49 31.94 -4.01
C GLN C 95 1.89 32.50 -2.71
N GLN C 96 2.69 32.52 -1.65
CA GLN C 96 2.20 32.96 -0.35
C GLN C 96 1.84 34.44 -0.35
N GLY C 97 0.64 34.75 0.13
CA GLY C 97 0.25 36.14 0.26
C GLY C 97 -1.14 36.26 0.87
N LEU C 98 -1.77 37.40 0.63
CA LEU C 98 -3.13 37.65 1.05
C LEU C 98 -3.95 37.99 -0.19
N CYS C 99 -5.14 37.39 -0.29
CA CYS C 99 -5.95 37.57 -1.49
C CYS C 99 -7.42 37.25 -1.21
N PRO C 100 -8.34 37.91 -1.90
CA PRO C 100 -9.77 37.64 -1.67
C PRO C 100 -10.13 36.21 -2.06
N ASP C 101 -11.01 35.61 -1.26
CA ASP C 101 -11.43 34.23 -1.48
C ASP C 101 -12.49 34.20 -2.58
N PHE C 102 -12.69 33.01 -3.14
CA PHE C 102 -13.71 32.82 -4.16
C PHE C 102 -15.08 33.19 -3.57
N PRO C 103 -15.77 34.20 -4.11
CA PRO C 103 -16.99 34.68 -3.45
C PRO C 103 -18.14 33.68 -3.50
N THR C 104 -18.50 33.14 -2.33
CA THR C 104 -19.67 32.31 -2.15
C THR C 104 -20.58 32.96 -1.11
N ALA C 105 -21.64 32.25 -0.74
CA ALA C 105 -22.56 32.77 0.26
C ALA C 105 -21.87 32.95 1.62
N ARG C 106 -21.06 31.97 2.02
CA ARG C 106 -20.41 32.04 3.32
C ARG C 106 -19.18 32.93 3.31
N THR C 107 -18.72 33.35 2.13
CA THR C 107 -17.51 34.16 2.01
C THR C 107 -17.77 35.61 1.65
N ILE C 108 -18.99 35.96 1.25
CA ILE C 108 -19.28 37.32 0.84
C ILE C 108 -19.40 38.22 2.07
N CYS C 109 -19.09 39.51 1.89
CA CYS C 109 -19.27 40.49 2.94
C CYS C 109 -19.41 41.87 2.33
N SER C 110 -20.00 42.78 3.08
CA SER C 110 -20.12 44.18 2.69
C SER C 110 -19.44 45.13 3.67
N SER C 111 -19.20 44.69 4.90
CA SER C 111 -18.55 45.51 5.91
C SER C 111 -17.38 44.73 6.50
N ASP C 112 -16.42 45.48 7.06
CA ASP C 112 -15.24 44.85 7.65
C ASP C 112 -15.62 43.98 8.84
N ARG C 113 -16.57 44.44 9.67
CA ARG C 113 -17.00 43.64 10.81
C ARG C 113 -17.94 42.51 10.43
N GLY C 114 -18.23 42.37 9.13
CA GLY C 114 -19.14 41.31 8.71
C GLY C 114 -18.62 39.92 9.02
N CYS C 115 -17.33 39.68 8.81
CA CYS C 115 -16.73 38.38 9.08
C CYS C 115 -15.58 38.55 10.07
N LYS C 116 -15.37 37.55 10.91
CA LYS C 116 -14.41 37.61 12.01
C LYS C 116 -13.05 37.08 11.57
N LYS C 117 -11.99 37.63 12.15
CA LYS C 117 -10.65 37.16 11.88
C LYS C 117 -10.43 35.78 12.50
N GLY C 118 -9.61 34.97 11.82
CA GLY C 118 -9.28 33.65 12.32
C GLY C 118 -10.28 32.57 12.01
N ARG C 119 -11.38 32.90 11.33
CA ARG C 119 -12.38 31.90 11.00
C ARG C 119 -11.83 30.89 9.99
N MET C 120 -12.19 29.63 10.19
CA MET C 120 -11.77 28.53 9.32
C MET C 120 -13.02 27.83 8.81
N ASP C 121 -13.58 28.34 7.72
CA ASP C 121 -14.71 27.67 7.10
C ASP C 121 -14.26 26.34 6.51
N PRO C 122 -15.11 25.30 6.60
CA PRO C 122 -14.69 23.99 6.08
C PRO C 122 -14.34 24.00 4.60
N GLN C 123 -15.09 24.77 3.80
CA GLN C 123 -14.86 24.82 2.37
C GLN C 123 -13.86 25.90 1.94
N SER C 124 -13.45 26.76 2.87
CA SER C 124 -12.45 27.77 2.58
C SER C 124 -11.05 27.18 2.74
N LYS C 125 -10.16 27.55 1.82
CA LYS C 125 -8.82 27.00 1.78
C LYS C 125 -7.76 27.91 2.38
N GLY C 126 -8.17 28.96 3.09
CA GLY C 126 -7.22 29.91 3.64
C GLY C 126 -7.68 30.43 4.98
N ILE C 127 -6.71 30.89 5.77
CA ILE C 127 -6.98 31.48 7.07
C ILE C 127 -7.56 32.87 6.86
N GLN C 128 -8.71 33.13 7.48
CA GLN C 128 -9.43 34.38 7.28
C GLN C 128 -8.97 35.43 8.28
N THR C 129 -8.60 36.61 7.77
CA THR C 129 -8.13 37.69 8.61
C THR C 129 -9.23 38.69 8.99
N GLY C 130 -10.46 38.46 8.54
CA GLY C 130 -11.58 39.33 8.90
C GLY C 130 -11.47 40.75 8.39
N ARG C 131 -11.14 40.93 7.12
CA ARG C 131 -11.03 42.27 6.52
C ARG C 131 -11.66 42.23 5.13
N CYS C 132 -12.84 42.85 5.00
CA CYS C 132 -13.57 42.82 3.74
C CYS C 132 -12.86 43.69 2.71
N VAL C 133 -12.47 43.09 1.58
CA VAL C 133 -11.73 43.76 0.53
C VAL C 133 -12.42 43.45 -0.80
N VAL C 134 -12.36 44.39 -1.75
CA VAL C 134 -12.96 44.18 -3.05
C VAL C 134 -12.24 43.04 -3.78
N TYR C 135 -13.02 42.13 -4.35
CA TYR C 135 -12.48 40.97 -5.05
C TYR C 135 -12.33 41.25 -6.55
N LYS C 136 -13.43 41.61 -7.21
CA LYS C 136 -13.42 41.87 -8.65
C LYS C 136 -14.74 42.51 -9.04
N GLU C 137 -14.67 43.55 -9.87
CA GLU C 137 -15.82 44.36 -10.30
C GLU C 137 -16.79 44.60 -9.16
N ARG C 138 -16.29 45.26 -8.11
CA ARG C 138 -17.07 45.73 -6.97
C ARG C 138 -17.67 44.59 -6.15
N LEU C 139 -17.08 43.40 -6.20
CA LEU C 139 -17.46 42.30 -5.32
C LEU C 139 -16.52 42.29 -4.12
N LYS C 140 -17.09 42.25 -2.92
CA LYS C 140 -16.32 42.38 -1.68
C LYS C 140 -16.42 41.08 -0.90
N THR C 141 -15.26 40.52 -0.54
CA THR C 141 -15.16 39.38 0.35
C THR C 141 -13.98 39.61 1.27
N CYS C 142 -14.01 39.03 2.47
CA CYS C 142 -12.89 39.24 3.37
C CYS C 142 -11.78 38.25 3.06
N GLU C 143 -10.60 38.78 2.75
CA GLU C 143 -9.56 38.00 2.08
C GLU C 143 -8.88 37.05 3.06
N VAL C 144 -8.17 36.08 2.50
CA VAL C 144 -7.48 35.06 3.27
C VAL C 144 -5.99 35.14 2.98
N SER C 145 -5.19 34.80 4.00
CA SER C 145 -3.73 34.75 3.86
C SER C 145 -3.35 33.31 3.58
N ALA C 146 -3.07 33.01 2.32
CA ALA C 146 -2.79 31.64 1.91
C ALA C 146 -2.05 31.67 0.57
N TRP C 147 -2.01 30.51 -0.09
CA TRP C 147 -1.63 30.43 -1.49
C TRP C 147 -2.55 31.32 -2.32
N CYS C 148 -1.97 32.08 -3.24
CA CYS C 148 -2.74 32.97 -4.09
C CYS C 148 -2.23 32.89 -5.52
N PRO C 149 -3.11 33.10 -6.52
CA PRO C 149 -4.54 33.38 -6.41
C PRO C 149 -5.34 32.14 -6.01
N ILE C 150 -6.51 32.33 -5.40
CA ILE C 150 -7.29 31.22 -4.87
C ILE C 150 -7.90 30.43 -6.02
N GLU C 151 -7.94 29.11 -5.86
CA GLU C 151 -8.54 28.25 -6.87
C GLU C 151 -10.06 28.46 -6.92
N GLU C 152 -10.60 28.37 -8.13
CA GLU C 152 -12.04 28.49 -8.34
C GLU C 152 -12.67 27.10 -8.27
N VAL C 153 -13.47 26.86 -7.23
CA VAL C 153 -14.10 25.57 -7.06
C VAL C 153 -15.19 25.38 -8.11
N LYS C 154 -14.94 24.52 -9.09
CA LYS C 154 -15.89 24.20 -10.14
C LYS C 154 -15.92 22.69 -10.33
N ASP C 155 -16.65 22.25 -11.33
CA ASP C 155 -16.70 20.83 -11.69
C ASP C 155 -15.71 20.51 -12.79
N ALA C 156 -15.43 19.22 -12.95
CA ALA C 156 -14.57 18.77 -14.03
C ALA C 156 -15.27 19.00 -15.37
N PRO C 157 -14.51 19.25 -16.43
CA PRO C 157 -15.14 19.48 -17.74
C PRO C 157 -15.96 18.28 -18.19
N ARG C 158 -17.11 18.58 -18.80
CA ARG C 158 -18.02 17.51 -19.22
C ARG C 158 -17.39 16.50 -20.16
N PRO C 159 -16.69 16.88 -21.24
CA PRO C 159 -15.93 15.87 -21.99
C PRO C 159 -14.77 15.36 -21.16
N ALA C 160 -14.45 14.09 -21.32
CA ALA C 160 -13.33 13.50 -20.60
C ALA C 160 -12.03 14.03 -21.16
N LEU C 161 -11.23 14.69 -20.32
CA LEU C 161 -9.94 15.18 -20.79
C LEU C 161 -9.05 14.04 -21.23
N LEU C 162 -9.05 12.94 -20.46
CA LEU C 162 -8.46 11.69 -20.89
C LEU C 162 -9.54 10.79 -21.48
N ASN C 163 -10.18 11.27 -22.56
CA ASN C 163 -11.25 10.51 -23.19
C ASN C 163 -10.77 9.20 -23.77
N SER C 164 -9.48 9.06 -24.07
CA SER C 164 -8.90 7.83 -24.59
C SER C 164 -8.38 6.93 -23.48
N ALA C 165 -8.95 7.02 -22.28
CA ALA C 165 -8.48 6.20 -21.16
C ALA C 165 -8.84 4.74 -21.36
N GLU C 166 -10.06 4.47 -21.86
CA GLU C 166 -10.52 3.08 -21.94
C GLU C 166 -9.77 2.28 -22.98
N ASN C 167 -8.94 2.92 -23.80
CA ASN C 167 -8.16 2.20 -24.79
C ASN C 167 -6.84 1.67 -24.23
N PHE C 168 -6.56 1.90 -22.95
CA PHE C 168 -5.31 1.42 -22.36
C PHE C 168 -5.34 -0.09 -22.14
N THR C 169 -4.17 -0.66 -21.87
CA THR C 169 -4.04 -2.09 -21.59
C THR C 169 -3.26 -2.28 -20.30
N VAL C 170 -3.78 -3.11 -19.40
CA VAL C 170 -3.12 -3.40 -18.14
C VAL C 170 -2.79 -4.88 -18.09
N LEU C 171 -1.57 -5.20 -17.67
CA LEU C 171 -1.09 -6.57 -17.50
C LEU C 171 -0.86 -6.83 -16.02
N ILE C 172 -1.30 -7.99 -15.56
CA ILE C 172 -1.28 -8.35 -14.15
C ILE C 172 -0.54 -9.68 -14.01
N LYS C 173 0.51 -9.69 -13.17
CA LYS C 173 1.22 -10.90 -12.81
C LYS C 173 0.98 -11.17 -11.34
N ASN C 174 0.34 -12.29 -11.03
CA ASN C 174 0.00 -12.67 -9.67
C ASN C 174 0.78 -13.90 -9.28
N ASN C 175 1.37 -13.87 -8.08
CA ASN C 175 2.12 -15.00 -7.56
C ASN C 175 1.57 -15.34 -6.18
N ILE C 176 1.03 -16.55 -6.04
CA ILE C 176 0.42 -16.99 -4.80
C ILE C 176 1.33 -18.02 -4.16
N ASP C 177 1.37 -18.02 -2.84
CA ASP C 177 2.06 -19.04 -2.08
C ASP C 177 1.21 -19.45 -0.90
N PHE C 178 1.17 -20.75 -0.63
CA PHE C 178 0.57 -21.27 0.58
C PHE C 178 1.69 -21.57 1.56
N PRO C 179 1.64 -21.08 2.80
CA PRO C 179 2.74 -21.39 3.73
C PRO C 179 2.63 -22.75 4.41
N GLY C 180 1.41 -23.27 4.61
CA GLY C 180 1.25 -24.59 5.17
C GLY C 180 1.85 -25.67 4.29
N HIS C 181 1.26 -25.88 3.12
CA HIS C 181 1.86 -26.77 2.14
C HIS C 181 3.04 -26.09 1.47
N ASN C 182 3.90 -26.90 0.85
CA ASN C 182 5.07 -26.40 0.12
C ASN C 182 4.69 -26.09 -1.34
N TYR C 183 3.87 -25.05 -1.51
CA TYR C 183 3.35 -24.73 -2.83
C TYR C 183 3.40 -23.23 -3.10
N THR C 184 3.93 -22.89 -4.28
CA THR C 184 3.97 -21.53 -4.80
C THR C 184 3.74 -21.62 -6.31
N THR C 185 2.85 -20.78 -6.82
CA THR C 185 2.59 -20.80 -8.27
C THR C 185 2.17 -19.42 -8.76
N ARG C 186 2.32 -19.21 -10.06
CA ARG C 186 2.10 -17.90 -10.67
C ARG C 186 0.83 -17.91 -11.51
N ASN C 187 0.45 -16.72 -11.97
CA ASN C 187 -0.76 -16.59 -12.78
C ASN C 187 -0.53 -17.10 -14.20
N ILE C 188 0.62 -16.78 -14.79
CA ILE C 188 0.91 -17.10 -16.19
C ILE C 188 1.81 -18.31 -16.24
N LEU C 189 1.35 -19.35 -16.94
CA LEU C 189 2.17 -20.53 -17.14
C LEU C 189 3.11 -20.32 -18.33
N PRO C 190 4.25 -21.01 -18.35
CA PRO C 190 5.15 -20.91 -19.50
C PRO C 190 4.47 -21.40 -20.77
N GLY C 191 4.79 -20.73 -21.88
CA GLY C 191 4.21 -21.09 -23.16
C GLY C 191 2.73 -20.75 -23.25
N VAL C 192 2.42 -19.46 -23.23
CA VAL C 192 1.04 -18.99 -23.29
C VAL C 192 0.95 -17.90 -24.36
N ASN C 193 -0.27 -17.63 -24.81
CA ASN C 193 -0.51 -16.59 -25.79
C ASN C 193 -0.10 -15.23 -25.23
N ILE C 194 0.75 -14.51 -25.96
CA ILE C 194 1.18 -13.19 -25.52
C ILE C 194 0.10 -12.16 -25.81
N THR C 195 -0.23 -11.96 -27.09
CA THR C 195 -1.27 -11.02 -27.46
C THR C 195 -2.63 -11.53 -27.00
N CYS C 196 -3.46 -10.63 -26.49
CA CYS C 196 -4.75 -11.01 -25.94
C CYS C 196 -5.66 -9.81 -25.80
N THR C 197 -6.94 -10.11 -25.61
CA THR C 197 -7.92 -9.15 -25.08
C THR C 197 -8.90 -9.96 -24.26
N PHE C 198 -8.92 -9.74 -22.95
CA PHE C 198 -9.65 -10.62 -22.05
C PHE C 198 -11.13 -10.62 -22.39
N HIS C 199 -11.71 -11.83 -22.45
CA HIS C 199 -13.12 -12.01 -22.72
C HIS C 199 -13.66 -13.07 -21.77
N LYS C 200 -14.96 -12.97 -21.48
CA LYS C 200 -15.56 -13.91 -20.55
C LYS C 200 -15.49 -15.34 -21.08
N THR C 201 -15.76 -15.52 -22.36
CA THR C 201 -15.77 -16.86 -22.97
C THR C 201 -14.72 -17.04 -24.05
N GLN C 202 -14.42 -16.00 -24.83
CA GLN C 202 -13.47 -16.15 -25.92
C GLN C 202 -12.06 -16.41 -25.40
N ASN C 203 -11.63 -15.64 -24.40
CA ASN C 203 -10.29 -15.77 -23.83
C ASN C 203 -10.36 -15.43 -22.35
N PRO C 204 -10.67 -16.41 -21.50
CA PRO C 204 -10.92 -16.14 -20.08
C PRO C 204 -9.73 -16.34 -19.15
N GLN C 205 -8.52 -16.52 -19.66
CA GLN C 205 -7.39 -16.82 -18.79
C GLN C 205 -6.25 -15.82 -18.88
N CYS C 206 -5.90 -15.37 -20.09
CA CYS C 206 -4.81 -14.41 -20.21
C CYS C 206 -5.23 -13.05 -19.66
N PRO C 207 -4.37 -12.42 -18.87
CA PRO C 207 -4.83 -11.34 -17.99
C PRO C 207 -4.77 -9.93 -18.57
N ILE C 208 -4.55 -9.79 -19.87
CA ILE C 208 -4.50 -8.46 -20.48
C ILE C 208 -5.89 -7.86 -20.43
N PHE C 209 -6.08 -6.80 -19.64
CA PHE C 209 -7.38 -6.18 -19.47
C PHE C 209 -7.42 -4.84 -20.20
N ARG C 210 -8.53 -4.60 -20.90
CA ARG C 210 -8.86 -3.29 -21.45
C ARG C 210 -9.86 -2.61 -20.53
N LEU C 211 -9.60 -1.34 -20.20
CA LEU C 211 -10.45 -0.64 -19.25
C LEU C 211 -11.87 -0.48 -19.78
N GLY C 212 -12.04 -0.24 -21.08
CA GLY C 212 -13.37 -0.24 -21.66
C GLY C 212 -14.08 -1.57 -21.46
N ASP C 213 -13.35 -2.67 -21.65
CA ASP C 213 -13.90 -3.99 -21.34
C ASP C 213 -14.21 -4.11 -19.85
N ILE C 214 -13.37 -3.52 -19.01
CA ILE C 214 -13.59 -3.58 -17.56
C ILE C 214 -14.94 -2.97 -17.22
N PHE C 215 -15.24 -1.81 -17.81
CA PHE C 215 -16.55 -1.20 -17.55
C PHE C 215 -17.67 -1.98 -18.21
N GLN C 216 -17.43 -2.48 -19.43
CA GLN C 216 -18.48 -3.19 -20.15
C GLN C 216 -18.94 -4.42 -19.38
N GLU C 217 -18.02 -5.13 -18.73
CA GLU C 217 -18.43 -6.27 -17.92
C GLU C 217 -19.34 -5.83 -16.79
N THR C 218 -19.00 -4.72 -16.14
CA THR C 218 -19.86 -4.17 -15.09
C THR C 218 -21.17 -3.61 -15.66
N GLY C 219 -21.13 -2.94 -16.81
CA GLY C 219 -22.32 -2.38 -17.42
C GLY C 219 -22.48 -0.88 -17.25
N ASP C 220 -21.50 -0.20 -16.67
CA ASP C 220 -21.59 1.24 -16.48
C ASP C 220 -20.86 1.98 -17.60
N SER C 221 -21.36 3.16 -17.95
CA SER C 221 -20.73 3.99 -18.96
C SER C 221 -19.39 4.51 -18.47
N PHE C 222 -18.40 4.50 -19.34
CA PHE C 222 -17.06 4.91 -18.94
C PHE C 222 -16.94 6.41 -18.72
N SER C 223 -17.57 7.21 -19.59
CA SER C 223 -17.40 8.66 -19.51
C SER C 223 -17.96 9.21 -18.20
N ASP C 224 -19.13 8.73 -17.78
CA ASP C 224 -19.79 9.28 -16.60
C ASP C 224 -18.96 9.01 -15.34
N VAL C 225 -18.52 7.78 -15.16
CA VAL C 225 -17.69 7.47 -13.99
C VAL C 225 -16.34 8.17 -14.11
N ALA C 226 -15.81 8.27 -15.33
CA ALA C 226 -14.53 8.89 -15.56
C ALA C 226 -14.50 10.36 -15.19
N ILE C 227 -15.60 11.09 -15.43
CA ILE C 227 -15.61 12.53 -15.17
C ILE C 227 -15.37 12.82 -13.69
N GLN C 228 -16.06 12.11 -12.81
CA GLN C 228 -15.96 12.35 -11.38
C GLN C 228 -15.09 11.33 -10.65
N GLY C 229 -14.60 10.31 -11.35
CA GLY C 229 -13.75 9.31 -10.73
C GLY C 229 -14.54 8.28 -9.94
N GLY C 230 -13.89 7.15 -9.70
CA GLY C 230 -14.51 6.07 -8.96
C GLY C 230 -13.49 4.97 -8.72
N ILE C 231 -13.85 4.06 -7.82
CA ILE C 231 -13.00 2.96 -7.43
C ILE C 231 -13.68 1.66 -7.81
N MET C 232 -12.93 0.76 -8.45
CA MET C 232 -13.44 -0.57 -8.74
C MET C 232 -12.37 -1.60 -8.43
N GLY C 233 -12.79 -2.85 -8.35
CA GLY C 233 -11.90 -3.94 -7.99
C GLY C 233 -11.79 -4.99 -9.08
N ILE C 234 -10.61 -5.56 -9.21
CA ILE C 234 -10.36 -6.67 -10.13
C ILE C 234 -10.15 -7.90 -9.25
N GLU C 235 -11.22 -8.62 -8.96
CA GLU C 235 -11.17 -9.75 -8.06
C GLU C 235 -10.63 -10.98 -8.78
N ILE C 236 -9.63 -11.61 -8.18
CA ILE C 236 -8.98 -12.79 -8.73
C ILE C 236 -9.22 -13.92 -7.74
N TYR C 237 -9.87 -14.99 -8.20
CA TYR C 237 -10.29 -16.08 -7.32
C TYR C 237 -9.46 -17.31 -7.63
N TRP C 238 -8.72 -17.80 -6.62
CA TRP C 238 -7.90 -19.00 -6.77
C TRP C 238 -8.59 -20.15 -6.03
N ASP C 239 -9.27 -21.01 -6.79
CA ASP C 239 -9.89 -22.23 -6.25
C ASP C 239 -9.01 -23.40 -6.66
N CYS C 240 -7.99 -23.68 -5.87
CA CYS C 240 -6.98 -24.67 -6.20
C CYS C 240 -7.11 -25.89 -5.30
N ASN C 241 -6.97 -27.08 -5.90
CA ASN C 241 -6.99 -28.35 -5.17
C ASN C 241 -5.61 -28.96 -5.35
N LEU C 242 -4.99 -29.36 -4.24
CA LEU C 242 -3.61 -29.83 -4.25
C LEU C 242 -3.48 -31.35 -4.32
N ASP C 243 -4.59 -32.09 -4.38
CA ASP C 243 -4.52 -33.54 -4.47
C ASP C 243 -3.92 -33.96 -5.80
N GLY C 244 -3.09 -35.00 -5.79
CA GLY C 244 -2.47 -35.47 -7.01
C GLY C 244 -3.46 -36.02 -8.02
N TRP C 245 -4.53 -36.68 -7.54
CA TRP C 245 -5.49 -37.31 -8.44
C TRP C 245 -6.24 -36.28 -9.28
N PHE C 246 -6.76 -35.24 -8.62
CA PHE C 246 -7.50 -34.17 -9.30
C PHE C 246 -6.83 -32.85 -8.93
N HIS C 247 -5.81 -32.48 -9.70
CA HIS C 247 -5.00 -31.31 -9.43
C HIS C 247 -5.31 -30.25 -10.49
N HIS C 248 -5.85 -29.13 -10.06
CA HIS C 248 -6.04 -27.98 -10.95
C HIS C 248 -6.00 -26.72 -10.10
N CYS C 249 -5.17 -25.76 -10.52
CA CYS C 249 -4.99 -24.50 -9.80
C CYS C 249 -4.98 -23.38 -10.85
N ARG C 250 -6.15 -22.84 -11.15
CA ARG C 250 -6.30 -21.80 -12.14
C ARG C 250 -7.23 -20.72 -11.61
N PRO C 251 -6.97 -19.47 -11.95
CA PRO C 251 -7.76 -18.37 -11.39
C PRO C 251 -9.01 -18.08 -12.21
N LYS C 252 -9.94 -17.39 -11.57
CA LYS C 252 -11.13 -16.89 -12.24
C LYS C 252 -11.18 -15.38 -12.03
N TYR C 253 -11.45 -14.64 -13.11
CA TYR C 253 -11.42 -13.19 -13.08
C TYR C 253 -12.84 -12.66 -12.95
N SER C 254 -13.07 -11.77 -12.00
CA SER C 254 -14.34 -11.09 -11.84
C SER C 254 -14.08 -9.61 -11.59
N PHE C 255 -15.08 -8.78 -11.87
CA PHE C 255 -14.93 -7.34 -11.70
C PHE C 255 -16.16 -6.77 -11.02
N ARG C 256 -15.96 -5.72 -10.23
CA ARG C 256 -17.07 -5.08 -9.54
C ARG C 256 -16.71 -3.62 -9.29
N ARG C 257 -17.75 -2.79 -9.15
CA ARG C 257 -17.58 -1.38 -8.85
C ARG C 257 -17.58 -1.18 -7.34
N LEU C 258 -16.44 -0.75 -6.79
CA LEU C 258 -16.29 -0.60 -5.36
C LEU C 258 -16.89 0.70 -4.85
N ASP C 259 -17.35 1.58 -5.72
CA ASP C 259 -17.88 2.87 -5.31
C ASP C 259 -19.32 2.72 -4.79
N ASP C 260 -19.92 3.85 -4.44
CA ASP C 260 -21.26 3.85 -3.86
C ASP C 260 -22.29 4.64 -4.66
N LYS C 261 -21.85 5.50 -5.58
CA LYS C 261 -22.76 6.39 -6.32
C LYS C 261 -23.61 7.22 -5.35
N THR C 262 -22.95 7.87 -4.40
CA THR C 262 -23.66 8.67 -3.40
C THR C 262 -24.32 9.88 -4.04
N THR C 263 -23.61 10.57 -4.93
CA THR C 263 -24.09 11.77 -5.62
C THR C 263 -24.48 12.88 -4.65
N SER C 264 -23.92 12.88 -3.45
CA SER C 264 -24.18 13.92 -2.46
C SER C 264 -22.94 14.77 -2.25
N GLU C 265 -23.12 16.09 -2.26
CA GLU C 265 -21.97 17.00 -2.18
C GLU C 265 -21.23 16.84 -0.86
N SER C 266 -21.95 16.61 0.23
CA SER C 266 -21.31 16.52 1.54
C SER C 266 -20.41 15.30 1.67
N LEU C 267 -20.61 14.28 0.86
CA LEU C 267 -19.85 13.04 0.97
C LEU C 267 -18.76 12.91 -0.09
N TYR C 268 -18.43 14.00 -0.79
CA TYR C 268 -17.34 14.00 -1.76
C TYR C 268 -17.57 12.92 -2.82
N PRO C 269 -18.54 13.08 -3.71
CA PRO C 269 -18.85 12.03 -4.67
C PRO C 269 -17.69 11.79 -5.62
N GLY C 270 -17.56 10.54 -6.04
CA GLY C 270 -16.47 10.18 -6.93
C GLY C 270 -15.13 10.14 -6.21
N TYR C 271 -14.07 10.12 -7.01
CA TYR C 271 -12.71 10.07 -6.50
C TYR C 271 -11.93 11.25 -7.06
N ASN C 272 -11.27 11.99 -6.17
CA ASN C 272 -10.43 13.11 -6.59
C ASN C 272 -9.49 13.47 -5.46
N PHE C 273 -8.42 14.17 -5.82
CA PHE C 273 -7.48 14.67 -4.82
C PHE C 273 -6.77 15.89 -5.40
N ARG C 274 -5.88 16.46 -4.61
CA ARG C 274 -5.15 17.68 -4.97
C ARG C 274 -3.66 17.41 -4.86
N TYR C 275 -2.90 17.85 -5.86
CA TYR C 275 -1.48 17.59 -5.96
C TYR C 275 -0.75 18.88 -6.30
N ALA C 276 0.51 18.99 -5.90
CA ALA C 276 1.27 20.21 -6.06
C ALA C 276 2.64 19.93 -6.67
N LYS C 277 3.09 20.86 -7.51
CA LYS C 277 4.44 20.83 -8.07
C LYS C 277 5.14 22.13 -7.74
N TYR C 278 6.25 22.06 -7.02
CA TYR C 278 6.95 23.24 -6.55
C TYR C 278 8.09 23.58 -7.50
N TYR C 279 8.47 24.85 -7.53
CA TYR C 279 9.62 25.29 -8.31
C TYR C 279 10.05 26.66 -7.84
N LYS C 280 11.14 27.15 -8.43
CA LYS C 280 11.70 28.46 -8.11
C LYS C 280 11.56 29.38 -9.31
N GLU C 281 10.94 30.53 -9.11
CA GLU C 281 10.84 31.56 -10.13
C GLU C 281 11.34 32.87 -9.54
N ASN C 282 12.36 33.45 -10.18
CA ASN C 282 13.02 34.66 -9.68
C ASN C 282 13.48 34.50 -8.23
N ASN C 283 14.02 33.31 -7.91
CA ASN C 283 14.47 32.97 -6.56
C ASN C 283 13.33 33.06 -5.55
N VAL C 284 12.10 32.77 -5.99
CA VAL C 284 10.92 32.78 -5.13
C VAL C 284 10.22 31.44 -5.27
N GLU C 285 9.82 30.86 -4.15
CA GLU C 285 9.07 29.62 -4.17
C GLU C 285 7.71 29.84 -4.84
N LYS C 286 7.36 28.95 -5.78
CA LYS C 286 6.07 29.05 -6.46
C LYS C 286 5.59 27.63 -6.73
N ARG C 287 4.36 27.34 -6.31
CA ARG C 287 3.80 26.03 -6.59
C ARG C 287 2.73 26.14 -7.67
N THR C 288 2.44 25.01 -8.30
CA THR C 288 1.32 24.89 -9.22
C THR C 288 0.45 23.72 -8.77
N LEU C 289 -0.86 23.92 -8.81
CA LEU C 289 -1.83 23.02 -8.21
C LEU C 289 -2.60 22.28 -9.29
N ILE C 290 -2.76 20.98 -9.12
CA ILE C 290 -3.53 20.13 -10.01
C ILE C 290 -4.61 19.45 -9.20
N LYS C 291 -5.87 19.62 -9.60
CA LYS C 291 -6.97 18.86 -9.04
C LYS C 291 -7.23 17.67 -9.95
N VAL C 292 -7.03 16.46 -9.42
CA VAL C 292 -6.99 15.24 -10.21
C VAL C 292 -8.22 14.42 -9.91
N PHE C 293 -8.97 14.06 -10.96
CA PHE C 293 -10.03 13.06 -10.91
C PHE C 293 -9.58 11.85 -11.70
N GLY C 294 -9.70 10.67 -11.10
CA GLY C 294 -9.22 9.49 -11.80
C GLY C 294 -9.88 8.23 -11.27
N ILE C 295 -9.56 7.12 -11.91
CA ILE C 295 -10.09 5.81 -11.57
C ILE C 295 -9.01 5.03 -10.85
N ARG C 296 -9.25 4.70 -9.58
CA ARG C 296 -8.30 3.95 -8.78
C ARG C 296 -8.69 2.49 -8.80
N PHE C 297 -7.83 1.64 -9.37
CA PHE C 297 -8.10 0.22 -9.50
C PHE C 297 -7.52 -0.50 -8.29
N ASP C 298 -8.26 -1.49 -7.80
CA ASP C 298 -7.79 -2.38 -6.74
C ASP C 298 -7.81 -3.82 -7.23
N ILE C 299 -6.81 -4.58 -6.83
CA ILE C 299 -6.71 -5.99 -7.18
C ILE C 299 -6.95 -6.78 -5.90
N LEU C 300 -8.20 -7.16 -5.67
CA LEU C 300 -8.60 -7.84 -4.43
C LEU C 300 -8.53 -9.35 -4.66
N VAL C 301 -7.39 -9.91 -4.30
CA VAL C 301 -7.10 -11.32 -4.52
C VAL C 301 -7.41 -12.12 -3.26
N PHE C 302 -8.10 -13.25 -3.42
CA PHE C 302 -8.41 -14.14 -2.32
C PHE C 302 -8.60 -15.55 -2.86
N GLY C 303 -8.43 -16.53 -1.98
CA GLY C 303 -8.62 -17.91 -2.36
C GLY C 303 -8.15 -18.84 -1.25
N THR C 304 -8.53 -20.11 -1.41
CA THR C 304 -8.18 -21.13 -0.43
C THR C 304 -7.58 -22.32 -1.14
N GLY C 305 -6.84 -23.12 -0.38
CA GLY C 305 -6.27 -24.34 -0.90
C GLY C 305 -5.99 -25.31 0.23
N GLY C 306 -6.03 -26.59 -0.10
CA GLY C 306 -5.87 -27.63 0.91
C GLY C 306 -5.30 -28.90 0.32
N LYS C 307 -4.82 -29.76 1.21
CA LYS C 307 -4.28 -31.06 0.85
C LYS C 307 -5.01 -32.15 1.62
N PHE C 308 -4.92 -33.36 1.08
CA PHE C 308 -5.43 -34.54 1.78
C PHE C 308 -4.72 -34.68 3.12
N ASN C 309 -5.48 -34.86 4.18
CA ASN C 309 -4.95 -35.01 5.53
C ASN C 309 -5.68 -36.15 6.23
N VAL C 310 -4.93 -37.02 6.89
CA VAL C 310 -5.54 -38.18 7.54
C VAL C 310 -6.36 -37.74 8.75
N ILE C 311 -5.88 -36.72 9.47
CA ILE C 311 -6.52 -36.32 10.73
C ILE C 311 -7.94 -35.80 10.47
N GLN C 312 -8.11 -34.96 9.46
CA GLN C 312 -9.43 -34.42 9.17
C GLN C 312 -10.40 -35.53 8.76
N LEU C 313 -9.94 -36.45 7.91
CA LEU C 313 -10.80 -37.55 7.51
C LEU C 313 -11.20 -38.41 8.71
N ALA C 314 -10.24 -38.69 9.59
CA ALA C 314 -10.53 -39.51 10.76
C ALA C 314 -11.53 -38.83 11.69
N VAL C 315 -11.35 -37.53 11.96
CA VAL C 315 -12.25 -36.87 12.89
C VAL C 315 -13.64 -36.74 12.28
N TYR C 316 -13.73 -36.46 10.98
CA TYR C 316 -15.04 -36.36 10.36
C TYR C 316 -15.76 -37.70 10.37
N ILE C 317 -15.03 -38.79 10.08
CA ILE C 317 -15.65 -40.11 10.13
C ILE C 317 -16.13 -40.43 11.54
N GLY C 318 -15.30 -40.16 12.54
CA GLY C 318 -15.70 -40.43 13.92
C GLY C 318 -16.89 -39.62 14.37
N SER C 319 -16.99 -38.38 13.90
CA SER C 319 -18.13 -37.53 14.27
C SER C 319 -19.37 -37.80 13.44
N VAL C 320 -19.23 -38.49 12.30
CA VAL C 320 -20.39 -38.75 11.45
C VAL C 320 -20.93 -40.16 11.70
N ILE C 321 -20.14 -40.99 12.38
CA ILE C 321 -20.58 -42.36 12.66
C ILE C 321 -21.84 -42.36 13.52
N SER C 322 -21.88 -41.51 14.55
CA SER C 322 -23.03 -41.49 15.44
C SER C 322 -24.30 -41.09 14.72
N TYR C 323 -24.19 -40.36 13.61
CA TYR C 323 -25.37 -39.90 12.89
C TYR C 323 -26.20 -41.09 12.41
N PHE C 324 -25.56 -42.10 11.84
CA PHE C 324 -26.29 -43.31 11.46
C PHE C 324 -26.42 -44.28 12.62
N GLY C 325 -25.51 -44.24 13.59
CA GLY C 325 -25.68 -45.08 14.77
C GLY C 325 -26.99 -44.82 15.49
N LEU C 326 -27.37 -43.54 15.61
CA LEU C 326 -28.66 -43.19 16.19
C LEU C 326 -29.82 -43.49 15.24
N ALA C 327 -29.66 -43.18 13.95
CA ALA C 327 -30.76 -43.37 13.00
C ALA C 327 -31.14 -44.84 12.89
N THR C 328 -30.18 -45.74 13.13
CA THR C 328 -30.52 -47.16 13.16
C THR C 328 -31.48 -47.47 14.30
N VAL C 329 -31.28 -46.84 15.47
CA VAL C 329 -32.14 -47.09 16.62
C VAL C 329 -33.55 -46.60 16.34
N PHE C 330 -33.69 -45.40 15.78
CA PHE C 330 -35.00 -44.82 15.51
C PHE C 330 -35.36 -44.96 14.03
C1 NAG D . -8.65 23.88 17.70
C2 NAG D . -7.69 24.89 18.30
C3 NAG D . -8.32 25.59 19.49
C4 NAG D . -9.68 26.19 19.10
C5 NAG D . -10.57 25.12 18.47
C6 NAG D . -11.87 25.68 17.94
C7 NAG D . -5.30 24.44 18.01
C8 NAG D . -4.10 23.72 18.55
N2 NAG D . -6.44 24.27 18.68
O3 NAG D . -7.46 26.61 19.96
O4 NAG D . -10.32 26.73 20.24
O5 NAG D . -9.89 24.52 17.36
O6 NAG D . -11.99 25.46 16.54
O7 NAG D . -5.24 25.15 17.00
C1 NAG E . -30.34 14.19 10.79
C2 NAG E . -31.53 14.55 9.90
C3 NAG E . -31.20 15.78 9.05
C4 NAG E . -30.72 16.92 9.93
C5 NAG E . -29.57 16.45 10.82
C6 NAG E . -29.11 17.50 11.82
C7 NAG E . -31.14 12.85 8.14
C8 NAG E . -31.76 11.72 7.37
N2 NAG E . -31.93 13.43 9.05
O3 NAG E . -32.36 16.19 8.33
O4 NAG E . -30.27 18.01 9.14
O5 NAG E . -29.98 15.31 11.58
O6 NAG E . -27.95 17.08 12.51
O7 NAG E . -29.99 13.23 7.93
C8 A1L0P F . 5.83 16.92 0.45
C5 A1L0P F . 4.21 15.29 -0.58
C6 A1L0P F . 3.80 14.01 -1.01
C2 A1L0P F . 5.86 13.17 -0.23
C4 A1L0P F . 5.42 15.52 0.00
C1 A1L0P F . 4.67 12.97 -0.81
O1 A1L0P F . 4.52 11.62 -1.13
O2 A1L0P F . 6.55 11.94 -0.17
C3 A1L0P F . 6.27 14.41 0.18
O3 A1L0P F . 6.42 21.83 1.15
O4 A1L0P F . 7.73 22.17 3.68
C7 A1L0P F . 5.80 11.06 -0.96
C9 A1L0P F . 3.99 17.55 -1.12
C10 A1L0P F . 3.28 16.30 -0.82
C11 A1L0P F . 5.95 16.95 1.93
C12 A1L0P F . 6.41 18.35 2.38
C13 A1L0P F . 6.21 19.45 1.59
C14 A1L0P F . 5.50 19.30 0.23
C15 A1L0P F . 7.06 18.51 3.62
C16 A1L0P F . 7.49 19.78 4.02
C17 A1L0P F . 7.28 20.89 3.23
C18 A1L0P F . 6.63 20.73 2.00
C19 A1L0P F . 8.90 22.14 4.45
C20 A1L0P F . 5.62 22.87 1.66
C21 A1L0P F . 4.61 16.57 2.58
C22 A1L0P F . 4.72 15.19 3.23
C23 A1L0P F . 5.89 14.75 3.65
N1 A1L0P F . 4.83 18.00 0.02
C1 NAG G . 30.73 -3.74 0.68
C2 NAG G . 31.67 -3.48 -0.49
C3 NAG G . 32.98 -4.24 -0.31
C4 NAG G . 33.59 -3.90 1.04
C5 NAG G . 32.59 -4.16 2.16
C6 NAG G . 33.09 -3.73 3.51
C7 NAG G . 30.65 -2.94 -2.65
C8 NAG G . 30.03 -3.48 -3.91
N2 NAG G . 31.05 -3.85 -1.76
O3 NAG G . 33.87 -3.90 -1.35
O4 NAG G . 34.76 -4.70 1.27
O5 NAG G . 31.39 -3.42 1.92
O6 NAG G . 32.34 -2.63 4.03
O7 NAG G . 30.76 -1.73 -2.46
C1 NAG H . 24.33 -7.50 24.32
C2 NAG H . 24.51 -6.78 25.65
C3 NAG H . 25.04 -5.36 25.43
C4 NAG H . 26.30 -5.40 24.58
C5 NAG H . 26.05 -6.17 23.29
C6 NAG H . 27.29 -6.34 22.45
C7 NAG H . 22.13 -6.16 25.99
C8 NAG H . 20.96 -6.25 26.94
N2 NAG H . 23.26 -6.75 26.41
O3 NAG H . 25.32 -4.77 26.70
O4 NAG H . 26.70 -4.07 24.25
O5 NAG H . 25.56 -7.49 23.60
O6 NAG H . 26.98 -6.85 21.16
O7 NAG H . 22.05 -5.58 24.92
C8 A1L0P I . 13.09 9.87 -7.11
C5 A1L0P I . 11.59 9.35 -5.15
C6 A1L0P I . 10.40 8.89 -4.56
C2 A1L0P I . 9.59 8.41 -6.73
C4 A1L0P I . 11.79 9.36 -6.50
C1 A1L0P I . 9.42 8.42 -5.40
O1 A1L0P I . 8.16 7.91 -5.09
O2 A1L0P I . 8.44 7.88 -7.34
C3 A1L0P I . 10.75 8.86 -7.31
O3 A1L0P I . 17.58 11.86 -8.09
O4 A1L0P I . 18.54 10.62 -10.42
C7 A1L0P I . 7.48 7.83 -6.31
C9 A1L0P I . 13.33 10.90 -4.86
C10 A1L0P I . 12.53 9.81 -4.23
C11 A1L0P I . 13.74 8.73 -7.83
C12 A1L0P I . 15.02 9.24 -8.52
C13 A1L0P I . 15.72 10.30 -8.01
C14 A1L0P I . 15.22 11.00 -6.73
C15 A1L0P I . 15.49 8.62 -9.69
C16 A1L0P I . 16.66 9.07 -10.31
C17 A1L0P I . 17.36 10.15 -9.79
C18 A1L0P I . 16.88 10.76 -8.63
C19 A1L0P I . 19.32 9.60 -11.01
C20 A1L0P I . 18.75 11.50 -7.40
C21 A1L0P I . 14.09 7.64 -6.80
C22 A1L0P I . 13.18 6.42 -6.99
C23 A1L0P I . 12.68 6.16 -8.18
N1 A1L0P I . 14.06 10.39 -6.05
C1 NAG J . -10.05 3.56 -29.05
C2 NAG J . -10.63 4.86 -29.61
C3 NAG J . -11.48 4.58 -30.84
C4 NAG J . -10.69 3.79 -31.87
C5 NAG J . -10.11 2.52 -31.23
C6 NAG J . -9.21 1.76 -32.17
C7 NAG J . -10.96 6.66 -27.99
C8 NAG J . -11.88 7.26 -26.97
N2 NAG J . -11.40 5.56 -28.60
O3 NAG J . -11.92 5.81 -31.40
O4 NAG J . -11.53 3.42 -32.96
O5 NAG J . -9.32 2.88 -30.09
O6 NAG J . -7.86 1.74 -31.70
O7 NAG J . -9.87 7.15 -28.24
C1 NAG K . -0.31 -19.19 -29.53
C2 NAG K . 0.89 -19.89 -30.14
C3 NAG K . 1.87 -18.87 -30.74
C4 NAG K . 1.15 -17.93 -31.70
C5 NAG K . -0.07 -17.32 -31.01
C6 NAG K . -0.91 -16.47 -31.94
C7 NAG K . 2.13 -20.32 -28.05
C8 NAG K . 2.78 -21.37 -27.19
N2 NAG K . 1.56 -20.75 -29.19
O3 NAG K . 2.91 -19.55 -31.43
O4 NAG K . 2.01 -16.90 -32.13
O5 NAG K . -0.93 -18.35 -30.51
O6 NAG K . -1.94 -15.78 -31.23
O7 NAG K . 2.13 -19.13 -27.72
C8 A1L0P L . 1.71 13.79 -11.44
C5 A1L0P L . 2.64 11.63 -10.54
C6 A1L0P L . 2.85 10.66 -9.54
C2 A1L0P L . 1.52 11.98 -8.09
C4 A1L0P L . 1.92 12.75 -10.34
C1 A1L0P L . 2.26 10.88 -8.32
O1 A1L0P L . 2.29 10.10 -7.16
O2 A1L0P L . 1.04 11.96 -6.77
C3 A1L0P L . 1.33 12.93 -9.07
O3 A1L0P L . 1.72 16.61 -15.57
O4 A1L0P L . -0.79 17.94 -15.66
C7 A1L0P L . 1.72 10.90 -6.15
C9 A1L0P L . 3.65 12.59 -12.43
C10 A1L0P L . 3.27 11.33 -11.75
C11 A1L0P L . 0.25 13.85 -11.73
C12 A1L0P L . -0.01 14.94 -12.79
C13 A1L0P L . 0.96 15.28 -13.70
C14 A1L0P L . 2.33 14.57 -13.66
C15 A1L0P L . -1.24 15.58 -12.82
C16 A1L0P L . -1.49 16.57 -13.78
C17 A1L0P L . -0.51 16.93 -14.70
C18 A1L0P L . 0.71 16.27 -14.65
C19 A1L0P L . -0.31 19.22 -15.30
C20 A1L0P L . 1.44 16.27 -16.90
C21 A1L0P L . -0.23 12.48 -12.24
C22 A1L0P L . -1.18 11.86 -11.21
C23 A1L0P L . -1.89 12.64 -10.42
N1 A1L0P L . 2.45 13.43 -12.72
#